data_3GI9
#
_entry.id   3GI9
#
_cell.length_a   148.365
_cell.length_b   45.900
_cell.length_c   158.088
_cell.angle_alpha   90.00
_cell.angle_beta   97.75
_cell.angle_gamma   90.00
#
_symmetry.space_group_name_H-M   'C 1 2 1'
#
loop_
_entity.id
_entity.type
_entity.pdbx_description
1 polymer '7F11 Anti-ApcT Monoclonal Fab Light Chain'
2 polymer '7F11 Anti-ApcT Monoclonal Fab Heavy Chain'
3 polymer 'Uncharacterized protein MJ0609'
4 water water
#
loop_
_entity_poly.entity_id
_entity_poly.type
_entity_poly.pdbx_seq_one_letter_code
_entity_poly.pdbx_strand_id
1 'polypeptide(L)'
;DIVMTQSPSSLAMSVGQKVTLSCKSSQSLLNTSNQKNYLAWYQQKPGQSPKLLVYFASTRESGVPDRFIGSGSGTDFTLT
ISSVQAEDLSDFFCQQHYSTPYTFGGGTKLEIKRADAAPTVSIFPPSSEQLTSGGASVVCFLNNFYPKDINVKWKIDGSE
RQNGVLNSWTDQDSKDSTYSMSSTLTLTKDEYERHNSYTCEATHKTSTSPIVKSFNRNEC
;
L
2 'polypeptide(L)'
;QVQLLQPGAELVKPGASVKLSCKASGYTFTSYWMYWVKQRPGQGLEWIGEIDPSDSYTNYNQNFKGKATLTVDKSSSTAF
MQLSSLTSQDSAVYFCARSPHYYGTTYNYPMDYWGQGTSVTVSSAKTTPPSVYPLAPGCGDTTGSSVTLGCLVKGYFPES
VTVTWNSGSLSSSVHTFPALLQSGLYTMSSSVTVPSSTWPSQTVTCSVAHPASSTTVDKKLEP
;
H
3 'polypeptide(L)'
;MELKNKKLSLWEAVSMAVGVMIGASIFSIFGVGAKIAGRNLPETFILSGIYALLVAYSYTKLGAKIVSNAGPIAFIHKAI
GDNIITGALSILLWMSYVISIALFAKGFAGYFLPLINAPINTFNIAITEIGIVAFFTALNFFGSKAVGRAEFFIVLVKLL
ILGLFIFAGLITIHPSYVIPDLAPSAVSGMIFASAIFFLSYMGFGVITNASEHIENPKKNVPRAIFISILIVMFVYVGVA
ISAIGNLPIDELIKASENALAVAAKPFLGNLGFLLISIGALFSISSAMNATIYGGANVAYSLAKDGELPEFFERKVWFKS
TEGLYITSALGVLFALLFNMEGVASITSAVFMVIYLFVILSHYILIDEVGGRKEIVIFSFIVVLGVFLLLLYYQWITNRF
VFYGIIATFIGVLIFEIIYRKVTKRTFSNNMYVKSLESSGLVPR
;
C
#
# COMPACT_ATOMS: atom_id res chain seq x y z
N ASP A 1 -5.51 26.37 -1.56
CA ASP A 1 -5.46 25.42 -0.41
C ASP A 1 -6.76 25.43 0.39
N ILE A 2 -7.10 24.27 0.94
CA ILE A 2 -8.26 24.13 1.81
C ILE A 2 -7.88 24.60 3.22
N VAL A 3 -8.59 25.61 3.70
CA VAL A 3 -8.37 26.16 5.04
C VAL A 3 -9.19 25.40 6.07
N MET A 4 -8.52 24.90 7.10
CA MET A 4 -9.17 24.18 8.18
C MET A 4 -9.23 25.05 9.43
N THR A 5 -10.41 25.12 10.03
CA THR A 5 -10.67 25.99 11.16
C THR A 5 -11.28 25.20 12.33
N GLN A 6 -10.62 25.25 13.47
CA GLN A 6 -11.07 24.51 14.66
C GLN A 6 -11.57 25.43 15.76
N SER A 7 -12.53 24.93 16.53
CA SER A 7 -13.20 25.68 17.58
C SER A 7 -13.73 24.71 18.64
N PRO A 8 -13.59 25.07 19.93
CA PRO A 8 -12.97 26.28 20.46
C PRO A 8 -11.45 26.14 20.58
N SER A 9 -10.79 27.18 21.08
CA SER A 9 -9.33 27.20 21.22
C SER A 9 -8.86 26.20 22.26
N SER A 10 -9.49 26.23 23.42
CA SER A 10 -9.16 25.35 24.53
C SER A 10 -10.39 25.17 25.40
N LEU A 11 -10.43 24.06 26.13
CA LEU A 11 -11.52 23.81 27.06
C LEU A 11 -11.06 22.97 28.24
N ALA A 12 -11.51 23.37 29.43
CA ALA A 12 -11.17 22.68 30.66
C ALA A 12 -12.35 21.84 31.14
N MET A 13 -12.17 20.52 31.16
CA MET A 13 -13.25 19.60 31.54
C MET A 13 -12.85 18.67 32.67
N SER A 14 -13.78 18.42 33.58
CA SER A 14 -13.58 17.40 34.61
C SER A 14 -13.95 16.02 34.05
N VAL A 15 -13.43 14.97 34.68
CA VAL A 15 -13.61 13.60 34.23
C VAL A 15 -15.09 13.19 34.14
N GLY A 16 -15.46 12.60 33.01
CA GLY A 16 -16.81 12.11 32.80
C GLY A 16 -17.69 13.06 32.00
N GLN A 17 -17.26 14.32 31.89
CA GLN A 17 -18.03 15.34 31.17
C GLN A 17 -17.99 15.15 29.66
N LYS A 18 -18.97 15.72 28.97
CA LYS A 18 -19.08 15.63 27.53
C LYS A 18 -18.60 16.92 26.85
N VAL A 19 -17.84 16.77 25.77
CA VAL A 19 -17.47 17.92 24.93
C VAL A 19 -17.61 17.66 23.43
N THR A 20 -17.83 18.75 22.70
CA THR A 20 -17.96 18.72 21.27
C THR A 20 -16.96 19.69 20.66
N LEU A 21 -15.98 19.14 19.95
CA LEU A 21 -15.01 19.94 19.21
C LEU A 21 -15.46 20.07 17.77
N SER A 22 -15.36 21.26 17.21
CA SER A 22 -15.80 21.49 15.83
C SER A 22 -14.64 21.82 14.90
N CYS A 23 -14.80 21.40 13.65
CA CYS A 23 -13.82 21.62 12.60
C CYS A 23 -14.56 22.07 11.34
N LYS A 24 -14.06 23.13 10.71
CA LYS A 24 -14.68 23.71 9.52
C LYS A 24 -13.67 23.76 8.38
N SER A 25 -14.14 23.48 7.16
CA SER A 25 -13.31 23.60 5.96
C SER A 25 -13.85 24.63 4.97
N SER A 26 -12.94 25.27 4.25
CA SER A 26 -13.29 26.28 3.24
C SER A 26 -13.92 25.65 1.99
N GLN A 27 -13.66 24.37 1.78
CA GLN A 27 -14.25 23.61 0.67
C GLN A 27 -14.92 22.33 1.16
N SER A 28 -15.91 21.86 0.40
CA SER A 28 -16.56 20.59 0.70
C SER A 28 -15.55 19.45 0.60
N LEU A 29 -15.59 18.55 1.59
CA LEU A 29 -14.69 17.40 1.62
C LEU A 29 -15.41 16.12 1.19
N LEU A 30 -16.59 16.30 0.61
CA LEU A 30 -17.44 15.20 0.17
C LEU A 30 -17.19 14.86 -1.30
N ASN A 31 -16.76 13.62 -1.56
CA ASN A 31 -16.60 13.13 -2.92
C ASN A 31 -17.97 12.71 -3.49
N THR A 32 -18.43 13.48 -4.48
CA THR A 32 -19.81 13.36 -4.99
C THR A 32 -20.21 11.95 -5.45
N SER A 33 -19.25 11.20 -5.97
CA SER A 33 -19.48 9.81 -6.38
C SER A 33 -19.29 8.82 -5.23
N ASN A 34 -18.28 9.05 -4.40
CA ASN A 34 -17.99 8.18 -3.24
C ASN A 34 -19.03 8.24 -2.13
N GLN A 35 -19.58 9.43 -1.91
CA GLN A 35 -20.44 9.73 -0.76
C GLN A 35 -19.67 9.74 0.57
N LYS A 36 -18.35 9.87 0.48
CA LYS A 36 -17.49 9.90 1.66
C LYS A 36 -16.94 11.30 1.93
N ASN A 37 -16.80 11.61 3.21
CA ASN A 37 -16.19 12.85 3.65
C ASN A 37 -14.76 12.62 4.11
N TYR A 38 -13.83 13.30 3.44
CA TYR A 38 -12.40 13.08 3.68
C TYR A 38 -11.88 13.97 4.80
N LEU A 39 -12.27 13.64 6.03
CA LEU A 39 -11.81 14.35 7.22
C LEU A 39 -11.32 13.40 8.29
N ALA A 40 -10.16 13.72 8.86
CA ALA A 40 -9.57 12.91 9.92
C ALA A 40 -9.42 13.71 11.22
N TRP A 41 -9.44 12.98 12.33
CA TRP A 41 -9.17 13.55 13.66
C TRP A 41 -7.95 12.87 14.28
N TYR A 42 -7.13 13.67 14.96
CA TYR A 42 -5.91 13.20 15.59
C TYR A 42 -5.85 13.62 17.05
N GLN A 43 -5.02 12.91 17.81
CA GLN A 43 -4.71 13.28 19.19
C GLN A 43 -3.20 13.35 19.37
N GLN A 44 -2.73 14.49 19.89
CA GLN A 44 -1.31 14.66 20.17
C GLN A 44 -1.06 14.99 21.64
N LYS A 45 -0.55 14.00 22.36
CA LYS A 45 -0.14 14.20 23.74
C LYS A 45 1.20 14.92 23.76
N PRO A 46 1.45 15.77 24.77
CA PRO A 46 2.68 16.57 24.76
C PRO A 46 3.93 15.72 24.61
N GLY A 47 4.75 16.06 23.62
CA GLY A 47 6.00 15.33 23.35
C GLY A 47 5.85 14.03 22.57
N GLN A 48 4.66 13.81 22.00
CA GLN A 48 4.40 12.58 21.24
C GLN A 48 3.96 12.87 19.81
N SER A 49 4.00 11.83 18.98
CA SER A 49 3.48 11.90 17.63
C SER A 49 1.96 11.96 17.65
N PRO A 50 1.36 12.63 16.64
CA PRO A 50 -0.10 12.60 16.48
C PRO A 50 -0.61 11.17 16.36
N LYS A 51 -1.74 10.88 16.97
CA LYS A 51 -2.34 9.56 16.93
C LYS A 51 -3.70 9.67 16.24
N LEU A 52 -3.89 8.87 15.19
CA LEU A 52 -5.13 8.89 14.41
C LEU A 52 -6.29 8.33 15.22
N LEU A 53 -7.37 9.11 15.30
CA LEU A 53 -8.57 8.70 16.03
C LEU A 53 -9.70 8.32 15.07
N VAL A 54 -10.03 9.24 14.17
CA VAL A 54 -11.16 9.09 13.27
C VAL A 54 -10.70 9.42 11.84
N TYR A 55 -11.24 8.67 10.88
CA TYR A 55 -11.01 8.97 9.46
C TYR A 55 -12.31 8.80 8.67
N PHE A 56 -12.32 9.35 7.45
CA PHE A 56 -13.53 9.47 6.63
C PHE A 56 -14.73 10.01 7.44
N ALA A 57 -14.45 11.02 8.25
CA ALA A 57 -15.42 11.71 9.10
C ALA A 57 -15.94 10.96 10.32
N SER A 58 -16.23 9.66 10.16
CA SER A 58 -16.96 8.92 11.21
C SER A 58 -16.44 7.51 11.56
N THR A 59 -15.42 7.02 10.88
CA THR A 59 -14.89 5.70 11.20
C THR A 59 -13.77 5.79 12.22
N ARG A 60 -14.00 5.21 13.39
CA ARG A 60 -12.97 5.09 14.42
C ARG A 60 -11.85 4.18 13.96
N GLU A 61 -10.61 4.64 14.19
CA GLU A 61 -9.43 3.82 13.97
C GLU A 61 -9.41 2.67 14.97
N SER A 62 -8.82 1.54 14.57
CA SER A 62 -8.72 0.37 15.43
C SER A 62 -8.02 0.70 16.76
N GLY A 63 -8.62 0.24 17.86
CA GLY A 63 -8.06 0.46 19.20
C GLY A 63 -8.45 1.76 19.88
N VAL A 64 -9.20 2.61 19.18
CA VAL A 64 -9.61 3.91 19.71
C VAL A 64 -10.87 3.76 20.56
N PRO A 65 -10.85 4.31 21.80
CA PRO A 65 -12.02 4.29 22.71
C PRO A 65 -13.30 4.79 22.07
N ASP A 66 -14.42 4.16 22.45
CA ASP A 66 -15.76 4.47 21.94
C ASP A 66 -16.20 5.90 22.27
N ARG A 67 -15.53 6.53 23.22
CA ARG A 67 -15.82 7.89 23.66
C ARG A 67 -15.65 8.92 22.57
N PHE A 68 -14.83 8.60 21.56
CA PHE A 68 -14.59 9.50 20.45
C PHE A 68 -15.54 9.17 19.30
N ILE A 69 -16.33 10.16 18.91
CA ILE A 69 -17.30 10.00 17.83
C ILE A 69 -17.19 11.16 16.83
N GLY A 70 -16.95 10.82 15.57
CA GLY A 70 -16.89 11.80 14.51
C GLY A 70 -18.17 11.84 13.70
N SER A 71 -18.58 13.04 13.29
CA SER A 71 -19.73 13.21 12.39
C SER A 71 -19.65 14.52 11.61
N GLY A 72 -20.63 14.73 10.75
CA GLY A 72 -20.67 15.91 9.89
C GLY A 72 -20.39 15.56 8.43
N SER A 73 -20.70 16.51 7.54
CA SER A 73 -20.45 16.35 6.12
C SER A 73 -20.35 17.70 5.43
N GLY A 74 -19.72 17.71 4.26
CA GLY A 74 -19.52 18.93 3.49
C GLY A 74 -18.37 19.72 4.09
N THR A 75 -18.71 20.73 4.87
CA THR A 75 -17.74 21.67 5.41
C THR A 75 -17.69 21.69 6.95
N ASP A 76 -18.70 21.10 7.59
CA ASP A 76 -18.82 21.17 9.04
C ASP A 76 -18.69 19.81 9.70
N PHE A 77 -17.73 19.68 10.61
CA PHE A 77 -17.43 18.41 11.23
C PHE A 77 -17.33 18.50 12.75
N THR A 78 -17.56 17.37 13.41
CA THR A 78 -17.63 17.32 14.87
C THR A 78 -16.88 16.10 15.43
N LEU A 79 -16.13 16.34 16.51
CA LEU A 79 -15.60 15.25 17.32
C LEU A 79 -16.15 15.35 18.73
N THR A 80 -16.95 14.36 19.10
CA THR A 80 -17.55 14.30 20.43
C THR A 80 -16.73 13.40 21.32
N ILE A 81 -16.40 13.91 22.51
CA ILE A 81 -15.81 13.12 23.56
C ILE A 81 -16.85 13.03 24.66
N SER A 82 -17.54 11.90 24.72
CA SER A 82 -18.73 11.73 25.56
C SER A 82 -18.42 11.73 27.05
N SER A 83 -17.21 11.30 27.39
CA SER A 83 -16.79 11.14 28.77
C SER A 83 -15.27 11.30 28.83
N VAL A 84 -14.80 12.53 28.98
CA VAL A 84 -13.35 12.79 28.96
C VAL A 84 -12.69 12.08 30.13
N GLN A 85 -11.58 11.44 29.85
CA GLN A 85 -10.81 10.73 30.87
C GLN A 85 -9.50 11.45 31.11
N ALA A 86 -8.87 11.16 32.24
CA ALA A 86 -7.59 11.77 32.62
C ALA A 86 -6.56 11.73 31.48
N GLU A 87 -6.53 10.62 30.75
CA GLU A 87 -5.55 10.40 29.69
C GLU A 87 -5.78 11.25 28.44
N ASP A 88 -6.98 11.80 28.31
CA ASP A 88 -7.40 12.53 27.10
C ASP A 88 -6.77 13.91 26.94
N LEU A 89 -6.06 14.37 27.97
CA LEU A 89 -5.41 15.68 27.95
C LEU A 89 -4.37 15.76 26.82
N SER A 90 -4.59 16.69 25.89
CA SER A 90 -3.79 16.80 24.67
C SER A 90 -4.30 17.90 23.75
N ASP A 91 -3.73 17.96 22.55
CA ASP A 91 -4.27 18.73 21.45
C ASP A 91 -5.02 17.82 20.50
N PHE A 92 -6.16 18.28 20.01
CA PHE A 92 -6.92 17.55 19.00
C PHE A 92 -6.91 18.29 17.66
N PHE A 93 -6.38 17.64 16.63
CA PHE A 93 -6.24 18.26 15.31
C PHE A 93 -7.15 17.57 14.29
N CYS A 94 -7.86 18.37 13.50
CA CYS A 94 -8.54 17.83 12.34
C CYS A 94 -7.66 17.99 11.10
N GLN A 95 -7.85 17.10 10.13
CA GLN A 95 -7.09 17.13 8.89
C GLN A 95 -7.95 16.67 7.72
N GLN A 96 -8.04 17.50 6.70
CA GLN A 96 -8.65 17.07 5.45
C GLN A 96 -7.70 16.13 4.73
N HIS A 97 -8.17 14.93 4.42
CA HIS A 97 -7.42 14.03 3.56
C HIS A 97 -8.09 13.91 2.19
N TYR A 98 -8.62 15.04 1.72
CA TYR A 98 -9.34 15.13 0.44
C TYR A 98 -8.41 15.46 -0.71
N SER A 99 -7.62 16.52 -0.53
CA SER A 99 -6.88 17.12 -1.62
C SER A 99 -5.53 17.65 -1.16
N THR A 100 -4.49 17.39 -1.95
CA THR A 100 -3.16 17.95 -1.69
C THR A 100 -3.15 19.44 -2.06
N PRO A 101 -2.39 20.26 -1.30
CA PRO A 101 -1.67 19.89 -0.08
C PRO A 101 -2.65 19.60 1.06
N TYR A 102 -2.38 18.52 1.79
CA TYR A 102 -3.20 18.16 2.94
C TYR A 102 -2.97 19.17 4.06
N THR A 103 -4.05 19.61 4.69
CA THR A 103 -3.97 20.67 5.69
C THR A 103 -4.65 20.29 7.00
N PHE A 104 -4.04 20.72 8.10
CA PHE A 104 -4.52 20.48 9.44
C PHE A 104 -5.16 21.74 9.97
N GLY A 105 -6.05 21.59 10.94
CA GLY A 105 -6.55 22.72 11.71
C GLY A 105 -5.54 23.11 12.77
N GLY A 106 -5.76 24.25 13.40
CA GLY A 106 -4.84 24.76 14.42
C GLY A 106 -4.92 24.02 15.75
N GLY A 107 -6.03 23.31 15.97
CA GLY A 107 -6.18 22.47 17.15
C GLY A 107 -7.11 22.99 18.21
N THR A 108 -7.52 22.08 19.10
CA THR A 108 -8.22 22.42 20.33
C THR A 108 -7.48 21.74 21.48
N LYS A 109 -7.06 22.53 22.45
CA LYS A 109 -6.39 22.01 23.63
C LYS A 109 -7.41 21.59 24.69
N LEU A 110 -7.24 20.38 25.22
CA LEU A 110 -8.08 19.91 26.32
C LEU A 110 -7.24 19.73 27.57
N GLU A 111 -7.61 20.45 28.63
CA GLU A 111 -7.01 20.28 29.94
C GLU A 111 -8.05 19.76 30.94
N ILE A 112 -7.59 19.04 31.95
CA ILE A 112 -8.49 18.38 32.90
C ILE A 112 -8.68 19.19 34.18
N LYS A 113 -9.94 19.36 34.57
CA LYS A 113 -10.30 19.97 35.85
C LYS A 113 -10.49 18.89 36.91
N ARG A 114 -10.00 19.18 38.12
CA ARG A 114 -10.12 18.26 39.25
C ARG A 114 -10.09 19.05 40.58
N ALA A 115 -10.18 18.33 41.69
CA ALA A 115 -10.17 18.95 43.03
C ALA A 115 -8.80 19.55 43.34
N ASP A 116 -8.79 20.59 44.17
CA ASP A 116 -7.55 21.23 44.59
C ASP A 116 -6.69 20.26 45.40
N ALA A 117 -5.38 20.32 45.18
CA ALA A 117 -4.44 19.44 45.86
C ALA A 117 -3.18 20.19 46.31
N ALA A 118 -2.70 19.85 47.50
CA ALA A 118 -1.50 20.46 48.08
C ALA A 118 -0.24 19.78 47.56
N PRO A 119 0.79 20.58 47.23
CA PRO A 119 2.07 20.03 46.73
C PRO A 119 2.87 19.28 47.79
N THR A 120 3.47 18.16 47.40
CA THR A 120 4.48 17.48 48.20
C THR A 120 5.82 18.12 47.88
N VAL A 121 6.45 18.71 48.89
CA VAL A 121 7.68 19.48 48.69
C VAL A 121 8.91 18.72 49.19
N SER A 122 9.94 18.65 48.33
CA SER A 122 11.19 18.00 48.67
C SER A 122 12.37 18.88 48.29
N ILE A 123 13.25 19.15 49.25
CA ILE A 123 14.49 19.88 48.99
C ILE A 123 15.66 18.91 48.84
N PHE A 124 16.62 19.27 48.00
CA PHE A 124 17.77 18.41 47.73
C PHE A 124 19.08 19.20 47.74
N PRO A 125 20.03 18.77 48.58
CA PRO A 125 21.35 19.42 48.65
C PRO A 125 22.14 19.16 47.37
N PRO A 126 23.02 20.11 46.98
CA PRO A 126 23.90 19.89 45.83
C PRO A 126 24.66 18.58 45.96
N SER A 127 24.62 17.77 44.90
CA SER A 127 25.27 16.46 44.87
C SER A 127 26.77 16.54 45.12
N SER A 128 27.31 15.47 45.70
CA SER A 128 28.75 15.36 45.97
C SER A 128 29.58 15.53 44.69
N GLU A 129 29.17 14.88 43.62
CA GLU A 129 29.87 14.97 42.32
C GLU A 129 29.58 16.28 41.58
N GLN A 130 28.58 17.02 42.04
CA GLN A 130 28.23 18.32 41.46
C GLN A 130 29.18 19.42 41.93
N LEU A 131 29.38 19.52 43.25
CA LEU A 131 30.27 20.54 43.81
C LEU A 131 31.74 20.26 43.52
N THR A 132 32.13 18.97 43.59
CA THR A 132 33.49 18.55 43.24
C THR A 132 33.70 18.61 41.72
N SER A 133 33.14 19.65 41.10
CA SER A 133 33.16 19.81 39.64
C SER A 133 33.08 21.29 39.23
N GLY A 134 32.80 22.17 40.19
CA GLY A 134 32.77 23.61 39.91
C GLY A 134 31.60 24.38 40.50
N GLY A 135 30.40 24.09 40.00
CA GLY A 135 29.18 24.75 40.48
C GLY A 135 28.47 23.96 41.56
N ALA A 136 27.35 24.50 42.03
CA ALA A 136 26.52 23.84 43.05
C ALA A 136 25.09 24.33 42.98
N SER A 137 24.16 23.41 42.71
CA SER A 137 22.75 23.79 42.58
C SER A 137 21.82 23.05 43.53
N VAL A 138 20.93 23.81 44.16
CA VAL A 138 19.95 23.28 45.11
C VAL A 138 18.61 23.12 44.41
N VAL A 139 18.06 21.92 44.48
CA VAL A 139 16.81 21.60 43.79
C VAL A 139 15.65 21.46 44.78
N CYS A 140 14.48 21.94 44.36
CA CYS A 140 13.26 21.77 45.15
C CYS A 140 12.13 21.26 44.27
N PHE A 141 11.62 20.08 44.59
CA PHE A 141 10.50 19.50 43.85
C PHE A 141 9.17 19.76 44.56
N LEU A 142 8.22 20.30 43.80
CA LEU A 142 6.86 20.51 44.26
C LEU A 142 5.96 19.60 43.45
N ASN A 143 5.47 18.54 44.07
CA ASN A 143 4.83 17.45 43.34
C ASN A 143 3.33 17.30 43.57
N ASN A 144 2.62 16.98 42.49
CA ASN A 144 1.20 16.60 42.51
C ASN A 144 0.23 17.61 43.14
N PHE A 145 0.12 18.78 42.53
CA PHE A 145 -0.76 19.84 43.04
C PHE A 145 -1.72 20.37 41.98
N TYR A 146 -2.81 21.00 42.43
CA TYR A 146 -3.78 21.65 41.56
C TYR A 146 -4.42 22.85 42.26
N PRO A 147 -4.58 24.00 41.55
CA PRO A 147 -4.25 24.26 40.13
C PRO A 147 -2.77 24.57 39.88
N LYS A 148 -2.44 24.84 38.61
CA LYS A 148 -1.04 24.94 38.15
C LYS A 148 -0.26 26.11 38.72
N ASP A 149 -0.96 27.15 39.16
CA ASP A 149 -0.34 28.35 39.72
C ASP A 149 0.39 28.01 41.01
N ILE A 150 1.68 28.36 41.08
CA ILE A 150 2.52 28.08 42.25
C ILE A 150 3.76 29.00 42.29
N ASN A 151 4.32 29.16 43.47
CA ASN A 151 5.51 30.01 43.67
C ASN A 151 6.52 29.39 44.62
N VAL A 152 7.80 29.53 44.27
CA VAL A 152 8.89 29.08 45.13
C VAL A 152 9.70 30.27 45.64
N LYS A 153 9.89 30.31 46.96
CA LYS A 153 10.72 31.31 47.60
C LYS A 153 12.00 30.67 48.12
N TRP A 154 13.14 31.16 47.62
CA TRP A 154 14.45 30.72 48.08
C TRP A 154 15.03 31.70 49.10
N LYS A 155 15.59 31.15 50.18
CA LYS A 155 16.20 31.97 51.22
C LYS A 155 17.59 31.48 51.62
N ILE A 156 18.57 32.37 51.48
CA ILE A 156 19.94 32.12 51.91
C ILE A 156 20.12 32.67 53.32
N ASP A 157 20.21 31.76 54.29
CA ASP A 157 20.32 32.09 55.72
C ASP A 157 19.10 32.87 56.26
N GLY A 158 17.94 32.61 55.67
CA GLY A 158 16.68 33.25 56.09
C GLY A 158 16.38 34.56 55.39
N SER A 159 17.13 34.87 54.33
CA SER A 159 16.92 36.10 53.56
C SER A 159 16.63 35.82 52.09
N GLU A 160 15.73 36.60 51.49
CA GLU A 160 15.26 36.37 50.12
C GLU A 160 16.35 36.28 49.06
N ARG A 161 16.11 35.43 48.06
CA ARG A 161 17.04 35.21 46.95
C ARG A 161 16.28 34.69 45.73
N GLN A 162 16.53 35.31 44.57
CA GLN A 162 15.88 34.90 43.33
C GLN A 162 16.78 35.07 42.09
N ASN A 163 18.07 35.26 42.32
CA ASN A 163 19.03 35.56 41.25
C ASN A 163 19.30 34.40 40.29
N GLY A 164 19.63 33.24 40.82
CA GLY A 164 19.95 32.07 40.01
C GLY A 164 18.90 30.96 40.02
N VAL A 165 17.63 31.37 40.10
CA VAL A 165 16.51 30.43 40.14
C VAL A 165 16.04 30.07 38.73
N LEU A 166 15.79 28.79 38.50
CA LEU A 166 15.16 28.33 37.26
C LEU A 166 13.90 27.51 37.57
N ASN A 167 12.77 27.97 37.03
CA ASN A 167 11.47 27.38 37.30
C ASN A 167 10.93 26.58 36.12
N SER A 168 10.52 25.34 36.35
CA SER A 168 10.03 24.47 35.29
C SER A 168 8.79 23.67 35.68
N TRP A 169 7.74 23.80 34.86
CA TRP A 169 6.47 23.12 35.08
C TRP A 169 6.27 21.95 34.13
N THR A 170 5.91 20.79 34.68
CA THR A 170 5.52 19.64 33.87
C THR A 170 4.21 19.89 33.14
N ASP A 171 3.95 19.07 32.13
CA ASP A 171 2.63 18.98 31.54
C ASP A 171 1.72 18.30 32.56
N GLN A 172 0.41 18.55 32.46
CA GLN A 172 -0.55 17.91 33.36
C GLN A 172 -0.38 16.38 33.35
N ASP A 173 -0.54 15.77 34.52
CA ASP A 173 -0.35 14.33 34.67
C ASP A 173 -1.53 13.57 34.07
N SER A 174 -1.23 12.59 33.23
CA SER A 174 -2.25 11.84 32.51
C SER A 174 -2.99 10.82 33.37
N LYS A 175 -2.58 10.69 34.64
CA LYS A 175 -3.21 9.76 35.57
C LYS A 175 -4.09 10.46 36.60
N ASP A 176 -3.49 11.34 37.41
CA ASP A 176 -4.22 12.01 38.49
C ASP A 176 -4.55 13.48 38.20
N SER A 177 -4.21 13.93 36.99
CA SER A 177 -4.55 15.28 36.50
C SER A 177 -3.94 16.43 37.30
N THR A 178 -2.82 16.16 37.97
CA THR A 178 -2.13 17.19 38.74
C THR A 178 -0.96 17.78 37.98
N TYR A 179 -0.38 18.85 38.52
CA TYR A 179 0.84 19.44 37.98
C TYR A 179 2.00 19.26 38.96
N SER A 180 3.22 19.29 38.43
CA SER A 180 4.42 19.26 39.26
C SER A 180 5.39 20.33 38.78
N MET A 181 6.19 20.86 39.71
CA MET A 181 7.11 21.94 39.38
C MET A 181 8.50 21.73 39.98
N SER A 182 9.51 22.14 39.21
CA SER A 182 10.91 22.05 39.62
C SER A 182 11.51 23.45 39.75
N SER A 183 12.17 23.70 40.88
CA SER A 183 12.86 24.97 41.11
C SER A 183 14.32 24.73 41.50
N THR A 184 15.22 25.29 40.70
CA THR A 184 16.66 25.08 40.87
C THR A 184 17.40 26.39 41.12
N LEU A 185 18.03 26.47 42.29
CA LEU A 185 18.91 27.59 42.63
C LEU A 185 20.36 27.19 42.40
N THR A 186 20.95 27.76 41.37
CA THR A 186 22.34 27.46 41.00
C THR A 186 23.29 28.54 41.53
N LEU A 187 24.28 28.10 42.32
CA LEU A 187 25.32 28.99 42.84
C LEU A 187 26.70 28.45 42.46
N THR A 188 27.74 29.25 42.74
CA THR A 188 29.12 28.78 42.64
C THR A 188 29.44 28.01 43.91
N LYS A 189 30.39 27.07 43.81
CA LYS A 189 30.85 26.29 44.97
C LYS A 189 31.31 27.21 46.10
N ASP A 190 32.04 28.27 45.73
CA ASP A 190 32.54 29.26 46.68
C ASP A 190 31.41 29.90 47.47
N GLU A 191 30.41 30.43 46.75
CA GLU A 191 29.30 31.13 47.39
C GLU A 191 28.37 30.18 48.15
N TYR A 192 28.26 28.95 47.69
CA TYR A 192 27.45 27.94 48.35
C TYR A 192 28.01 27.56 49.73
N GLU A 193 29.33 27.53 49.83
CA GLU A 193 30.00 27.09 51.06
C GLU A 193 30.15 28.20 52.12
N ARG A 194 29.85 29.44 51.74
CA ARG A 194 29.90 30.59 52.66
C ARG A 194 28.57 30.84 53.37
N HIS A 195 27.64 29.89 53.27
CA HIS A 195 26.33 29.99 53.93
C HIS A 195 25.91 28.64 54.50
N ASN A 196 24.94 28.65 55.41
CA ASN A 196 24.52 27.43 56.11
C ASN A 196 23.06 27.03 55.85
N SER A 197 22.14 27.97 56.06
CA SER A 197 20.71 27.70 55.99
C SER A 197 20.15 27.87 54.58
N TYR A 198 19.71 26.77 53.98
CA TYR A 198 19.09 26.79 52.66
C TYR A 198 17.62 26.38 52.72
N THR A 199 16.76 27.31 52.32
CA THR A 199 15.32 27.19 52.53
C THR A 199 14.51 27.39 51.25
N CYS A 200 13.55 26.50 51.04
CA CYS A 200 12.66 26.54 49.89
C CYS A 200 11.22 26.64 50.38
N GLU A 201 10.55 27.73 50.02
CA GLU A 201 9.19 28.01 50.50
C GLU A 201 8.16 27.97 49.38
N ALA A 202 7.19 27.05 49.51
CA ALA A 202 6.19 26.83 48.47
C ALA A 202 4.85 27.47 48.81
N THR A 203 4.44 28.43 47.99
CA THR A 203 3.15 29.09 48.16
C THR A 203 2.17 28.65 47.07
N HIS A 204 1.00 28.19 47.49
CA HIS A 204 0.00 27.63 46.60
C HIS A 204 -1.41 27.99 47.07
N LYS A 205 -2.31 28.22 46.10
CA LYS A 205 -3.72 28.59 46.36
C LYS A 205 -4.38 27.79 47.49
N THR A 206 -3.97 26.54 47.65
CA THR A 206 -4.59 25.64 48.64
C THR A 206 -4.40 26.05 50.11
N SER A 207 -3.42 26.92 50.36
CA SER A 207 -3.15 27.44 51.71
C SER A 207 -2.42 28.78 51.68
N THR A 208 -2.81 29.68 52.58
CA THR A 208 -2.15 30.98 52.72
C THR A 208 -0.81 30.85 53.45
N SER A 209 -0.65 29.75 54.18
CA SER A 209 0.60 29.42 54.86
C SER A 209 1.52 28.61 53.92
N PRO A 210 2.71 29.15 53.61
CA PRO A 210 3.63 28.47 52.71
C PRO A 210 4.24 27.20 53.31
N ILE A 211 4.40 26.16 52.49
CA ILE A 211 5.06 24.93 52.91
C ILE A 211 6.58 25.12 52.77
N VAL A 212 7.30 24.79 53.85
CA VAL A 212 8.72 25.12 53.97
C VAL A 212 9.58 23.87 54.11
N LYS A 213 10.64 23.79 53.30
CA LYS A 213 11.64 22.73 53.41
C LYS A 213 13.05 23.31 53.51
N SER A 214 13.82 22.82 54.48
CA SER A 214 15.14 23.37 54.77
C SER A 214 16.19 22.30 55.04
N PHE A 215 17.46 22.69 54.88
CA PHE A 215 18.59 21.89 55.33
C PHE A 215 19.77 22.80 55.68
N ASN A 216 20.56 22.38 56.66
CA ASN A 216 21.78 23.08 57.04
C ASN A 216 23.00 22.36 56.49
N ARG A 217 24.02 23.11 56.11
CA ARG A 217 25.27 22.55 55.59
C ARG A 217 26.07 21.76 56.62
N ASN A 218 26.02 22.20 57.88
CA ASN A 218 26.59 21.43 58.98
C ASN A 218 25.56 20.50 59.62
N GLU A 219 25.55 19.25 59.16
CA GLU A 219 24.64 18.22 59.66
C GLU A 219 25.35 16.88 59.78
N GLN B 1 3.86 -3.66 15.94
CA GLN B 1 4.44 -4.40 14.78
C GLN B 1 4.77 -3.48 13.60
N VAL B 2 3.79 -2.70 13.15
CA VAL B 2 4.04 -1.67 12.16
C VAL B 2 4.70 -0.47 12.84
N GLN B 3 5.90 -0.12 12.42
CA GLN B 3 6.61 1.03 12.98
C GLN B 3 7.53 1.75 11.99
N LEU B 4 7.84 3.00 12.31
CA LEU B 4 8.76 3.82 11.52
C LEU B 4 9.84 4.38 12.43
N LEU B 5 11.08 3.97 12.18
CA LEU B 5 12.23 4.40 12.99
C LEU B 5 12.79 5.73 12.50
N GLN B 6 12.81 6.71 13.39
CA GLN B 6 13.46 8.00 13.14
C GLN B 6 14.49 8.29 14.22
N PRO B 7 15.65 8.84 13.83
CA PRO B 7 16.61 9.30 14.85
C PRO B 7 16.03 10.45 15.66
N GLY B 8 16.36 10.49 16.95
CA GLY B 8 15.76 11.44 17.87
C GLY B 8 16.06 12.91 17.59
N ALA B 9 17.31 13.19 17.22
CA ALA B 9 17.77 14.57 17.06
C ALA B 9 18.86 14.72 15.99
N GLU B 10 18.88 15.88 15.35
CA GLU B 10 19.94 16.23 14.43
C GLU B 10 20.38 17.67 14.63
N LEU B 11 21.68 17.85 14.84
CA LEU B 11 22.28 19.19 14.89
C LEU B 11 22.96 19.46 13.56
N VAL B 12 22.62 20.59 12.95
CA VAL B 12 23.26 21.03 11.72
C VAL B 12 23.51 22.53 11.69
N LYS B 13 24.60 22.89 11.03
CA LYS B 13 25.01 24.29 10.89
C LYS B 13 24.14 25.02 9.87
N PRO B 14 23.98 26.34 10.05
CA PRO B 14 23.28 27.14 9.04
C PRO B 14 23.93 26.99 7.66
N GLY B 15 23.09 26.89 6.63
CA GLY B 15 23.57 26.74 5.26
C GLY B 15 23.84 25.32 4.80
N ALA B 16 23.94 24.40 5.77
CA ALA B 16 24.21 22.99 5.47
C ALA B 16 22.92 22.22 5.15
N SER B 17 23.05 20.91 4.96
CA SER B 17 21.94 20.03 4.64
C SER B 17 21.88 18.81 5.56
N VAL B 18 20.69 18.26 5.72
CA VAL B 18 20.51 16.96 6.36
C VAL B 18 19.68 16.04 5.48
N LYS B 19 20.01 14.75 5.55
CA LYS B 19 19.17 13.71 4.97
C LYS B 19 18.52 12.99 6.14
N LEU B 20 17.28 13.35 6.45
CA LEU B 20 16.53 12.69 7.53
C LEU B 20 16.01 11.36 7.04
N SER B 21 16.22 10.31 7.84
CA SER B 21 15.84 8.95 7.45
C SER B 21 14.58 8.45 8.18
N CYS B 22 13.80 7.64 7.48
CA CYS B 22 12.61 7.02 8.04
C CYS B 22 12.58 5.55 7.63
N LYS B 23 12.99 4.69 8.57
CA LYS B 23 13.07 3.24 8.32
C LYS B 23 11.75 2.54 8.65
N ALA B 24 11.18 1.88 7.64
CA ALA B 24 9.90 1.20 7.78
C ALA B 24 10.08 -0.29 8.06
N SER B 25 9.18 -0.84 8.87
CA SER B 25 9.11 -2.28 9.11
C SER B 25 7.69 -2.70 9.46
N GLY B 26 7.41 -3.99 9.27
CA GLY B 26 6.11 -4.56 9.64
C GLY B 26 5.11 -4.60 8.51
N TYR B 27 5.45 -3.99 7.39
CA TYR B 27 4.53 -3.87 6.25
C TYR B 27 5.32 -3.70 4.95
N THR B 28 4.64 -3.89 3.82
CA THR B 28 5.26 -3.71 2.51
C THR B 28 5.38 -2.23 2.18
N PHE B 29 6.60 -1.72 2.31
CA PHE B 29 6.98 -0.31 2.17
C PHE B 29 6.42 0.38 0.92
N THR B 30 6.46 -0.31 -0.22
CA THR B 30 6.09 0.28 -1.51
C THR B 30 4.59 0.31 -1.81
N SER B 31 3.79 -0.28 -0.92
CA SER B 31 2.33 -0.34 -1.11
C SER B 31 1.61 0.84 -0.46
N TYR B 32 2.32 1.60 0.36
CA TYR B 32 1.78 2.76 1.07
C TYR B 32 2.55 4.01 0.70
N TRP B 33 1.86 5.15 0.68
CA TRP B 33 2.52 6.45 0.62
C TRP B 33 3.47 6.63 1.80
N MET B 34 4.48 7.47 1.63
CA MET B 34 5.16 8.08 2.78
C MET B 34 4.98 9.58 2.73
N TYR B 35 4.38 10.13 3.78
CA TYR B 35 4.23 11.58 3.95
C TYR B 35 5.27 12.09 4.94
N TRP B 36 5.53 13.39 4.88
CA TRP B 36 6.38 14.06 5.85
C TRP B 36 5.69 15.31 6.38
N VAL B 37 5.89 15.56 7.68
CA VAL B 37 5.15 16.59 8.39
C VAL B 37 6.08 17.42 9.27
N LYS B 38 5.93 18.73 9.20
CA LYS B 38 6.73 19.67 10.00
C LYS B 38 5.90 20.20 11.16
N GLN B 39 6.51 20.21 12.35
CA GLN B 39 5.92 20.85 13.52
C GLN B 39 6.95 21.71 14.28
N ARG B 40 6.73 23.02 14.26
CA ARG B 40 7.55 23.95 15.04
C ARG B 40 7.00 24.09 16.45
N PRO B 41 7.86 24.44 17.43
CA PRO B 41 7.43 24.55 18.82
C PRO B 41 6.27 25.53 19.00
N GLY B 42 5.22 25.06 19.67
CA GLY B 42 4.01 25.86 19.91
C GLY B 42 3.13 26.06 18.69
N GLN B 43 3.35 25.26 17.65
CA GLN B 43 2.58 25.37 16.42
C GLN B 43 1.90 24.07 16.03
N GLY B 44 1.07 24.15 15.01
CA GLY B 44 0.37 22.99 14.49
C GLY B 44 1.21 22.18 13.53
N LEU B 45 0.54 21.36 12.73
CA LEU B 45 1.20 20.41 11.85
C LEU B 45 1.11 20.88 10.41
N GLU B 46 2.22 20.73 9.68
CA GLU B 46 2.29 21.17 8.29
C GLU B 46 2.78 20.02 7.43
N TRP B 47 1.99 19.68 6.42
CA TRP B 47 2.31 18.58 5.51
C TRP B 47 3.30 19.06 4.46
N ILE B 48 4.49 18.47 4.46
CA ILE B 48 5.58 18.85 3.56
C ILE B 48 5.39 18.28 2.15
N GLY B 49 5.09 16.99 2.06
CA GLY B 49 4.95 16.33 0.76
C GLY B 49 4.73 14.84 0.84
N GLU B 50 4.73 14.19 -0.32
CA GLU B 50 4.49 12.75 -0.39
C GLU B 50 5.42 12.08 -1.38
N ILE B 51 5.66 10.79 -1.13
CA ILE B 51 6.41 9.95 -2.07
C ILE B 51 5.80 8.56 -2.20
N ASP B 52 5.62 8.14 -3.45
CA ASP B 52 5.28 6.75 -3.76
C ASP B 52 6.59 5.96 -3.83
N PRO B 53 6.85 5.11 -2.82
CA PRO B 53 8.11 4.38 -2.72
C PRO B 53 8.37 3.40 -3.88
N SER B 54 7.34 3.05 -4.63
CA SER B 54 7.48 2.09 -5.73
C SER B 54 8.15 2.67 -6.97
N ASP B 55 7.74 3.87 -7.37
CA ASP B 55 8.28 4.52 -8.57
C ASP B 55 8.90 5.89 -8.31
N SER B 56 9.00 6.26 -7.03
CA SER B 56 9.60 7.53 -6.59
C SER B 56 8.86 8.79 -7.07
N TYR B 57 7.57 8.64 -7.38
CA TYR B 57 6.73 9.78 -7.70
C TYR B 57 6.58 10.67 -6.47
N THR B 58 6.78 11.97 -6.66
CA THR B 58 6.71 12.93 -5.57
C THR B 58 5.66 14.02 -5.84
N ASN B 59 5.11 14.55 -4.75
CA ASN B 59 4.29 15.76 -4.79
C ASN B 59 4.54 16.58 -3.53
N TYR B 60 4.88 17.85 -3.72
CA TYR B 60 5.29 18.72 -2.62
C TYR B 60 4.28 19.80 -2.31
N ASN B 61 4.21 20.18 -1.03
CA ASN B 61 3.57 21.40 -0.62
C ASN B 61 4.39 22.56 -1.16
N GLN B 62 3.73 23.49 -1.85
CA GLN B 62 4.38 24.63 -2.51
C GLN B 62 5.38 25.37 -1.61
N ASN B 63 5.05 25.51 -0.33
CA ASN B 63 5.92 26.14 0.67
C ASN B 63 7.28 25.47 0.87
N PHE B 64 7.40 24.22 0.42
CA PHE B 64 8.63 23.44 0.62
C PHE B 64 9.29 23.04 -0.71
N LYS B 65 8.74 23.52 -1.82
CA LYS B 65 9.35 23.32 -3.13
C LYS B 65 10.72 23.98 -3.14
N GLY B 66 11.75 23.18 -3.38
CA GLY B 66 13.13 23.65 -3.36
C GLY B 66 13.78 23.61 -1.99
N LYS B 67 12.97 23.36 -0.96
CA LYS B 67 13.48 23.26 0.41
C LYS B 67 13.74 21.80 0.80
N ALA B 68 12.79 20.93 0.46
CA ALA B 68 12.87 19.51 0.79
C ALA B 68 12.87 18.66 -0.47
N THR B 69 13.67 17.60 -0.44
CA THR B 69 13.70 16.62 -1.51
C THR B 69 13.45 15.23 -0.93
N LEU B 70 12.47 14.54 -1.49
CA LEU B 70 12.08 13.22 -1.00
C LEU B 70 12.61 12.12 -1.90
N THR B 71 13.28 11.15 -1.29
CA THR B 71 13.78 9.96 -1.99
C THR B 71 13.48 8.71 -1.18
N VAL B 72 13.54 7.55 -1.82
CA VAL B 72 13.48 6.28 -1.10
C VAL B 72 14.61 5.35 -1.51
N ASP B 73 14.86 4.36 -0.66
CA ASP B 73 15.68 3.21 -1.01
C ASP B 73 14.83 1.97 -0.75
N LYS B 74 14.52 1.23 -1.82
CA LYS B 74 13.54 0.14 -1.74
C LYS B 74 14.04 -1.08 -0.97
N SER B 75 15.28 -1.49 -1.21
CA SER B 75 15.86 -2.66 -0.56
C SER B 75 15.91 -2.50 0.96
N SER B 76 16.31 -1.31 1.41
CA SER B 76 16.39 -1.03 2.85
C SER B 76 15.08 -0.54 3.50
N SER B 77 14.01 -0.47 2.70
CA SER B 77 12.70 0.03 3.14
C SER B 77 12.78 1.38 3.89
N THR B 78 13.59 2.27 3.36
CA THR B 78 13.86 3.55 4.01
C THR B 78 13.43 4.72 3.14
N ALA B 79 12.71 5.65 3.76
CA ALA B 79 12.36 6.91 3.10
C ALA B 79 13.24 8.01 3.67
N PHE B 80 13.68 8.90 2.79
CA PHE B 80 14.54 10.00 3.19
C PHE B 80 13.92 11.35 2.85
N MET B 81 14.18 12.33 3.70
CA MET B 81 13.88 13.72 3.36
C MET B 81 15.13 14.57 3.51
N GLN B 82 15.57 15.16 2.40
CA GLN B 82 16.70 16.08 2.43
C GLN B 82 16.19 17.51 2.58
N LEU B 83 16.74 18.24 3.54
CA LEU B 83 16.43 19.65 3.73
C LEU B 83 17.65 20.51 3.36
N SER B 84 17.43 21.48 2.47
CA SER B 84 18.50 22.31 1.89
C SER B 84 18.68 23.66 2.55
N SER B 85 19.93 24.15 2.52
CA SER B 85 20.32 25.47 3.03
C SER B 85 19.54 25.91 4.28
N LEU B 86 19.91 25.31 5.41
CA LEU B 86 19.11 25.40 6.63
C LEU B 86 19.21 26.73 7.37
N THR B 87 18.05 27.28 7.71
CA THR B 87 17.96 28.52 8.48
C THR B 87 17.34 28.25 9.85
N SER B 88 17.19 29.32 10.64
CA SER B 88 16.52 29.25 11.93
C SER B 88 15.08 28.75 11.81
N GLN B 89 14.45 29.06 10.67
CA GLN B 89 13.07 28.64 10.37
C GLN B 89 12.93 27.12 10.25
N ASP B 90 14.01 26.45 9.87
CA ASP B 90 13.97 25.01 9.61
C ASP B 90 14.17 24.16 10.86
N SER B 91 14.53 24.78 11.98
CA SER B 91 14.70 24.03 13.21
C SER B 91 13.33 23.70 13.81
N ALA B 92 13.02 22.40 13.84
CA ALA B 92 11.70 21.90 14.23
C ALA B 92 11.71 20.39 14.37
N VAL B 93 10.56 19.82 14.73
CA VAL B 93 10.37 18.36 14.73
C VAL B 93 9.80 17.95 13.37
N TYR B 94 10.46 17.01 12.71
CA TYR B 94 10.01 16.47 11.43
C TYR B 94 9.55 15.02 11.54
N PHE B 95 8.27 14.79 11.25
CA PHE B 95 7.67 13.46 11.29
C PHE B 95 7.59 12.85 9.90
N CYS B 96 7.92 11.56 9.80
CA CYS B 96 7.49 10.77 8.65
C CYS B 96 6.24 10.01 9.07
N ALA B 97 5.33 9.79 8.12
CA ALA B 97 4.09 9.09 8.41
C ALA B 97 3.55 8.31 7.22
N ARG B 98 3.09 7.09 7.50
CA ARG B 98 2.54 6.18 6.50
C ARG B 98 1.15 6.63 6.08
N SER B 99 0.78 6.35 4.84
CA SER B 99 -0.58 6.60 4.36
C SER B 99 -1.01 5.56 3.32
N PRO B 100 -2.15 4.89 3.57
CA PRO B 100 -2.75 3.93 2.63
C PRO B 100 -2.93 4.53 1.24
N HIS B 101 -2.63 3.74 0.22
CA HIS B 101 -2.68 4.25 -1.15
C HIS B 101 -3.99 3.90 -1.86
N TYR B 102 -4.21 2.59 -2.06
CA TYR B 102 -5.35 2.07 -2.83
C TYR B 102 -5.38 2.60 -4.27
N TYR B 103 -4.58 1.99 -5.13
CA TYR B 103 -4.39 2.46 -6.51
C TYR B 103 -5.64 2.33 -7.38
N GLY B 104 -5.85 3.34 -8.22
CA GLY B 104 -6.95 3.34 -9.19
C GLY B 104 -8.30 3.69 -8.60
N THR B 105 -8.27 4.35 -7.44
CA THR B 105 -9.48 4.73 -6.74
C THR B 105 -9.43 6.23 -6.45
N THR B 106 -10.55 6.80 -6.01
CA THR B 106 -10.60 8.21 -5.65
C THR B 106 -10.35 8.47 -4.16
N TYR B 107 -10.12 7.39 -3.41
CA TYR B 107 -9.90 7.48 -1.97
C TYR B 107 -8.49 7.96 -1.63
N ASN B 108 -8.42 9.04 -0.87
CA ASN B 108 -7.19 9.42 -0.19
C ASN B 108 -7.37 9.17 1.30
N TYR B 109 -6.26 8.86 1.96
CA TYR B 109 -6.28 8.45 3.36
C TYR B 109 -5.41 9.34 4.23
N PRO B 110 -5.77 9.49 5.52
CA PRO B 110 -4.90 10.19 6.47
C PRO B 110 -3.66 9.37 6.84
N MET B 111 -2.98 9.78 7.90
CA MET B 111 -1.76 9.10 8.35
C MET B 111 -2.01 8.21 9.55
N ASP B 112 -1.87 6.90 9.36
CA ASP B 112 -2.16 5.93 10.43
C ASP B 112 -0.98 5.60 11.33
N TYR B 113 0.20 5.45 10.75
CA TYR B 113 1.41 5.18 11.54
C TYR B 113 2.46 6.26 11.37
N TRP B 114 2.96 6.75 12.51
CA TRP B 114 3.91 7.85 12.53
C TRP B 114 5.23 7.45 13.15
N GLY B 115 6.31 8.06 12.68
CA GLY B 115 7.59 8.01 13.38
C GLY B 115 7.54 8.90 14.61
N GLN B 116 8.54 8.77 15.48
CA GLN B 116 8.60 9.59 16.70
C GLN B 116 9.05 11.01 16.40
N GLY B 117 9.49 11.25 15.17
CA GLY B 117 9.94 12.57 14.74
C GLY B 117 11.37 12.88 15.10
N THR B 118 12.07 13.55 14.19
CA THR B 118 13.41 14.02 14.44
C THR B 118 13.35 15.52 14.74
N SER B 119 13.81 15.90 15.93
CA SER B 119 13.93 17.32 16.24
C SER B 119 15.24 17.84 15.63
N VAL B 120 15.10 18.61 14.56
CA VAL B 120 16.22 19.23 13.87
C VAL B 120 16.50 20.59 14.48
N THR B 121 17.76 20.80 14.88
CA THR B 121 18.19 22.07 15.47
C THR B 121 19.27 22.71 14.60
N VAL B 122 18.97 23.90 14.09
CA VAL B 122 19.91 24.63 13.24
C VAL B 122 20.73 25.62 14.07
N SER B 123 21.98 25.25 14.34
CA SER B 123 22.85 26.04 15.19
C SER B 123 24.33 25.87 14.81
N SER B 124 25.16 26.82 15.25
CA SER B 124 26.58 26.83 14.93
C SER B 124 27.40 26.09 16.00
N ALA B 125 27.89 24.91 15.63
CA ALA B 125 28.77 24.08 16.49
C ALA B 125 28.21 23.71 17.87
N LYS B 126 29.09 23.14 18.70
CA LYS B 126 28.89 22.95 20.15
C LYS B 126 27.84 21.91 20.56
N THR B 127 27.96 20.70 20.04
CA THR B 127 27.26 19.54 20.59
C THR B 127 27.99 19.06 21.84
N THR B 128 27.29 19.04 22.98
CA THR B 128 27.88 18.64 24.25
C THR B 128 26.95 17.71 25.05
N PRO B 129 27.50 16.60 25.58
CA PRO B 129 26.74 15.67 26.43
C PRO B 129 26.32 16.28 27.77
N PRO B 130 25.29 15.71 28.43
CA PRO B 130 24.84 16.21 29.72
C PRO B 130 25.69 15.75 30.90
N SER B 131 25.72 16.56 31.95
CA SER B 131 26.26 16.14 33.24
C SER B 131 25.09 15.73 34.12
N VAL B 132 25.14 14.50 34.63
CA VAL B 132 24.02 13.93 35.36
C VAL B 132 24.31 13.81 36.85
N TYR B 133 23.56 14.58 37.65
CA TYR B 133 23.73 14.61 39.10
C TYR B 133 22.52 14.03 39.83
N PRO B 134 22.76 13.10 40.78
CA PRO B 134 21.66 12.47 41.51
C PRO B 134 21.08 13.40 42.57
N LEU B 135 19.79 13.22 42.87
CA LEU B 135 19.13 14.03 43.90
C LEU B 135 18.53 13.11 44.96
N ALA B 136 19.31 12.89 46.01
CA ALA B 136 18.90 12.06 47.15
C ALA B 136 18.73 12.93 48.38
N PRO B 137 17.79 12.56 49.28
CA PRO B 137 17.51 13.34 50.50
C PRO B 137 18.75 13.56 51.38
N GLY B 144 9.19 10.03 55.45
CA GLY B 144 8.02 9.33 55.99
C GLY B 144 7.11 8.78 54.90
N SER B 145 6.97 7.45 54.89
CA SER B 145 6.09 6.70 53.98
C SER B 145 6.57 6.66 52.52
N SER B 146 6.60 7.82 51.86
CA SER B 146 7.11 7.94 50.49
C SER B 146 8.39 8.77 50.44
N VAL B 147 9.28 8.40 49.53
CA VAL B 147 10.51 9.14 49.32
C VAL B 147 10.65 9.55 47.84
N THR B 148 10.86 10.85 47.63
CA THR B 148 11.04 11.39 46.29
C THR B 148 12.53 11.47 45.96
N LEU B 149 12.90 10.84 44.84
CA LEU B 149 14.28 10.89 44.35
C LEU B 149 14.31 11.63 43.01
N GLY B 150 15.45 12.22 42.70
CA GLY B 150 15.58 13.00 41.47
C GLY B 150 16.87 12.76 40.71
N CYS B 151 16.91 13.29 39.49
CA CYS B 151 18.07 13.19 38.63
C CYS B 151 18.19 14.50 37.84
N LEU B 152 19.33 15.18 38.00
CA LEU B 152 19.56 16.48 37.38
C LEU B 152 20.42 16.36 36.13
N VAL B 153 19.90 16.87 35.02
CA VAL B 153 20.56 16.77 33.72
C VAL B 153 20.95 18.18 33.25
N LYS B 154 22.23 18.48 33.34
CA LYS B 154 22.75 19.84 33.18
C LYS B 154 23.75 19.98 32.04
N GLY B 155 23.77 21.15 31.42
CA GLY B 155 24.81 21.55 30.46
C GLY B 155 24.90 20.75 29.16
N TYR B 156 23.76 20.48 28.54
CA TYR B 156 23.74 19.72 27.29
C TYR B 156 23.18 20.51 26.11
N PHE B 157 23.66 20.17 24.91
CA PHE B 157 23.19 20.75 23.66
C PHE B 157 23.43 19.76 22.53
N PRO B 158 22.47 19.62 21.60
CA PRO B 158 21.15 20.26 21.60
C PRO B 158 20.11 19.42 22.33
N GLU B 159 18.84 19.68 22.07
CA GLU B 159 17.76 18.90 22.63
C GLU B 159 17.56 17.64 21.76
N SER B 160 17.10 16.54 22.34
CA SER B 160 16.70 16.44 23.73
C SER B 160 17.32 15.25 24.44
N VAL B 161 16.98 15.09 25.72
CA VAL B 161 17.37 13.93 26.51
C VAL B 161 16.12 13.15 26.93
N THR B 162 16.29 11.86 27.18
CA THR B 162 15.25 11.07 27.84
C THR B 162 15.81 10.47 29.13
N VAL B 163 15.08 10.67 30.22
CA VAL B 163 15.42 10.05 31.50
C VAL B 163 14.43 8.93 31.78
N THR B 164 14.97 7.72 31.94
CA THR B 164 14.15 6.55 32.31
C THR B 164 14.57 6.03 33.68
N TRP B 165 13.62 5.49 34.42
CA TRP B 165 13.87 5.03 35.79
C TRP B 165 13.83 3.53 35.94
N ASN B 166 14.89 2.97 36.51
CA ASN B 166 15.10 1.52 36.63
C ASN B 166 14.83 0.74 35.35
N SER B 167 15.39 1.22 34.24
CA SER B 167 15.23 0.62 32.92
C SER B 167 13.77 0.51 32.45
N GLY B 168 12.94 1.45 32.90
CA GLY B 168 11.52 1.51 32.51
C GLY B 168 10.55 0.98 33.54
N SER B 169 10.99 0.00 34.33
CA SER B 169 10.13 -0.67 35.32
C SER B 169 9.47 0.30 36.31
N LEU B 170 10.22 1.30 36.75
CA LEU B 170 9.64 2.42 37.51
C LEU B 170 9.19 3.50 36.53
N SER B 171 7.88 3.62 36.37
CA SER B 171 7.30 4.58 35.44
C SER B 171 6.00 5.17 35.98
N SER B 172 5.51 4.60 37.08
CA SER B 172 4.23 4.99 37.69
C SER B 172 4.29 6.44 38.21
N SER B 173 5.21 6.69 39.13
CA SER B 173 5.36 8.01 39.75
C SER B 173 6.58 8.73 39.20
N VAL B 174 6.51 9.12 37.92
CA VAL B 174 7.62 9.80 37.26
C VAL B 174 7.19 11.16 36.73
N HIS B 175 7.92 12.20 37.13
CA HIS B 175 7.74 13.54 36.60
C HIS B 175 8.95 13.93 35.75
N THR B 176 8.68 14.26 34.50
CA THR B 176 9.70 14.76 33.57
C THR B 176 9.54 16.27 33.41
N PHE B 177 10.46 17.03 33.98
CA PHE B 177 10.42 18.49 33.93
C PHE B 177 11.11 18.98 32.65
N PRO B 178 10.38 19.80 31.85
CA PRO B 178 10.86 20.30 30.57
C PRO B 178 12.16 21.09 30.66
N ALA B 179 12.93 21.06 29.56
CA ALA B 179 14.23 21.70 29.51
C ALA B 179 14.12 23.22 29.44
N LEU B 180 15.09 23.89 30.05
CA LEU B 180 15.22 25.33 29.95
C LEU B 180 16.59 25.69 29.41
N LEU B 181 16.63 26.66 28.51
CA LEU B 181 17.88 27.13 27.91
C LEU B 181 18.51 28.23 28.75
N GLN B 182 19.78 28.05 29.09
CA GLN B 182 20.55 29.06 29.82
C GLN B 182 22.02 29.09 29.38
N SER B 183 22.45 30.24 28.87
CA SER B 183 23.81 30.44 28.34
C SER B 183 24.20 29.40 27.28
N GLY B 184 23.30 29.22 26.31
CA GLY B 184 23.52 28.29 25.19
C GLY B 184 23.46 26.81 25.53
N LEU B 185 23.13 26.48 26.78
CA LEU B 185 23.06 25.10 27.24
C LEU B 185 21.75 24.78 27.96
N TYR B 186 21.29 23.54 27.82
CA TYR B 186 20.02 23.10 28.39
C TYR B 186 20.16 22.41 29.75
N THR B 187 19.13 22.58 30.57
CA THR B 187 19.03 21.88 31.84
C THR B 187 17.59 21.39 32.04
N MET B 188 17.45 20.12 32.40
CA MET B 188 16.14 19.56 32.74
C MET B 188 16.25 18.66 33.97
N SER B 189 15.10 18.22 34.46
CA SER B 189 15.05 17.46 35.70
C SER B 189 14.08 16.29 35.57
N SER B 190 14.29 15.28 36.41
CA SER B 190 13.40 14.13 36.46
C SER B 190 13.24 13.65 37.90
N SER B 191 12.00 13.43 38.30
CA SER B 191 11.67 13.03 39.65
C SER B 191 10.98 11.65 39.67
N VAL B 192 11.23 10.89 40.73
CA VAL B 192 10.58 9.60 40.93
C VAL B 192 10.18 9.43 42.41
N THR B 193 9.04 8.77 42.64
CA THR B 193 8.54 8.56 44.00
C THR B 193 8.32 7.08 44.30
N VAL B 194 8.96 6.62 45.37
CA VAL B 194 8.87 5.22 45.81
C VAL B 194 8.59 5.13 47.32
N PRO B 195 7.99 4.01 47.77
CA PRO B 195 7.81 3.78 49.21
C PRO B 195 9.14 3.68 49.96
N SER B 196 9.13 4.08 51.23
CA SER B 196 10.33 4.05 52.09
C SER B 196 10.87 2.64 52.35
N SER B 197 10.07 1.64 52.01
CA SER B 197 10.45 0.24 52.22
C SER B 197 11.12 -0.39 51.00
N THR B 198 11.18 0.36 49.90
CA THR B 198 11.79 -0.11 48.65
C THR B 198 13.11 0.59 48.33
N TRP B 199 13.47 1.58 49.14
CA TRP B 199 14.73 2.31 49.01
C TRP B 199 15.23 2.67 50.42
N PRO B 200 16.56 2.63 50.67
CA PRO B 200 17.74 2.38 49.81
C PRO B 200 17.92 0.95 49.30
N SER B 201 17.15 0.01 49.85
CA SER B 201 17.09 -1.34 49.29
C SER B 201 15.63 -1.63 48.98
N GLN B 202 15.28 -1.85 47.71
CA GLN B 202 16.22 -2.08 46.59
C GLN B 202 16.77 -0.84 45.88
N THR B 203 17.27 -1.06 44.66
CA THR B 203 18.00 -0.08 43.85
C THR B 203 17.06 0.86 43.07
N VAL B 204 17.45 2.14 43.00
CA VAL B 204 16.77 3.11 42.14
C VAL B 204 17.81 3.84 41.27
N THR B 205 17.62 3.76 39.95
CA THR B 205 18.59 4.27 38.99
C THR B 205 17.92 5.10 37.88
N CYS B 206 18.49 6.26 37.59
CA CYS B 206 18.08 7.04 36.42
C CYS B 206 19.05 6.83 35.27
N SER B 207 18.51 6.37 34.14
CA SER B 207 19.26 6.28 32.89
C SER B 207 18.93 7.47 32.01
N VAL B 208 19.97 8.21 31.61
CA VAL B 208 19.80 9.43 30.84
C VAL B 208 20.42 9.25 29.46
N ALA B 209 19.60 9.43 28.42
CA ALA B 209 20.05 9.26 27.05
C ALA B 209 20.05 10.59 26.28
N HIS B 210 21.17 10.87 25.61
CA HIS B 210 21.29 12.04 24.75
C HIS B 210 21.73 11.58 23.35
N PRO B 211 20.76 11.34 22.45
CA PRO B 211 21.02 10.75 21.13
C PRO B 211 21.92 11.57 20.21
N ALA B 212 21.85 12.90 20.32
CA ALA B 212 22.68 13.79 19.50
C ALA B 212 24.18 13.60 19.73
N SER B 213 24.54 13.13 20.92
CA SER B 213 25.93 12.81 21.25
C SER B 213 26.13 11.30 21.49
N SER B 214 25.08 10.52 21.20
CA SER B 214 25.07 9.06 21.38
C SER B 214 25.42 8.63 22.81
N THR B 215 24.98 9.41 23.79
CA THR B 215 25.38 9.24 25.17
C THR B 215 24.29 8.60 26.03
N THR B 216 24.70 7.69 26.91
CA THR B 216 23.84 7.14 27.96
C THR B 216 24.59 7.09 29.28
N VAL B 217 23.99 7.68 30.32
CA VAL B 217 24.59 7.74 31.65
C VAL B 217 23.61 7.20 32.70
N ASP B 218 24.08 6.26 33.50
CA ASP B 218 23.30 5.73 34.61
C ASP B 218 23.80 6.31 35.92
N LYS B 219 22.87 6.66 36.81
CA LYS B 219 23.21 7.13 38.15
C LYS B 219 22.37 6.41 39.19
N LYS B 220 23.04 5.67 40.08
CA LYS B 220 22.38 5.03 41.20
C LYS B 220 22.15 6.06 42.30
N LEU B 221 20.93 6.07 42.84
CA LEU B 221 20.59 6.98 43.91
C LEU B 221 20.86 6.36 45.28
N GLU B 222 21.78 6.98 46.00
CA GLU B 222 22.19 6.48 47.32
C GLU B 222 22.15 7.59 48.36
N PRO B 223 21.79 7.24 49.62
CA PRO B 223 21.83 8.21 50.72
C PRO B 223 23.24 8.40 51.27
N MET C 1 -4.71 1.76 9.91
CA MET C 1 -6.00 1.27 9.35
C MET C 1 -5.80 0.11 8.37
N GLU C 2 -6.86 -0.68 8.22
CA GLU C 2 -6.83 -1.86 7.37
C GLU C 2 -7.58 -1.61 6.06
N LEU C 3 -6.90 -1.85 4.95
CA LEU C 3 -7.53 -1.84 3.64
C LEU C 3 -7.82 -3.27 3.20
N LYS C 4 -8.82 -3.43 2.36
CA LYS C 4 -9.16 -4.74 1.81
C LYS C 4 -9.68 -4.64 0.39
N ASN C 5 -9.17 -5.50 -0.48
CA ASN C 5 -9.61 -5.54 -1.87
C ASN C 5 -10.98 -6.19 -2.02
N LYS C 6 -11.72 -5.76 -3.04
CA LYS C 6 -12.96 -6.44 -3.43
C LYS C 6 -12.60 -7.81 -3.99
N LYS C 7 -13.11 -8.86 -3.35
CA LYS C 7 -12.75 -10.23 -3.72
C LYS C 7 -13.82 -10.94 -4.52
N LEU C 8 -13.38 -11.73 -5.49
CA LEU C 8 -14.28 -12.46 -6.39
C LEU C 8 -14.57 -13.86 -5.87
N SER C 9 -15.81 -14.31 -6.06
CA SER C 9 -16.20 -15.68 -5.75
C SER C 9 -15.69 -16.63 -6.84
N LEU C 10 -15.80 -17.94 -6.58
CA LEU C 10 -15.39 -18.98 -7.52
C LEU C 10 -16.05 -18.83 -8.90
N TRP C 11 -17.36 -18.61 -8.90
CA TRP C 11 -18.12 -18.56 -10.15
C TRP C 11 -17.93 -17.27 -10.91
N GLU C 12 -17.67 -16.18 -10.20
CA GLU C 12 -17.29 -14.91 -10.82
C GLU C 12 -15.93 -15.04 -11.51
N ALA C 13 -15.03 -15.81 -10.89
CA ALA C 13 -13.72 -16.07 -11.46
C ALA C 13 -13.82 -17.03 -12.66
N VAL C 14 -14.67 -18.06 -12.52
CA VAL C 14 -14.95 -19.01 -13.60
C VAL C 14 -15.56 -18.27 -14.80
N SER C 15 -16.60 -17.47 -14.53
CA SER C 15 -17.28 -16.68 -15.55
C SER C 15 -16.31 -15.77 -16.31
N MET C 16 -15.42 -15.11 -15.57
CA MET C 16 -14.40 -14.24 -16.12
C MET C 16 -13.52 -14.96 -17.13
N ALA C 17 -13.03 -16.15 -16.75
CA ALA C 17 -12.19 -16.96 -17.64
C ALA C 17 -12.96 -17.50 -18.84
N VAL C 18 -14.13 -18.09 -18.57
CA VAL C 18 -15.04 -18.58 -19.61
C VAL C 18 -15.35 -17.50 -20.65
N GLY C 19 -15.50 -16.26 -20.18
CA GLY C 19 -15.77 -15.11 -21.04
C GLY C 19 -14.67 -14.82 -22.04
N VAL C 20 -13.44 -14.73 -21.56
CA VAL C 20 -12.28 -14.46 -22.41
C VAL C 20 -12.01 -15.64 -23.37
N MET C 21 -12.15 -16.86 -22.84
CA MET C 21 -11.97 -18.08 -23.64
C MET C 21 -12.95 -18.17 -24.82
N ILE C 22 -14.23 -17.96 -24.55
CA ILE C 22 -15.27 -17.99 -25.59
C ILE C 22 -15.10 -16.83 -26.58
N GLY C 23 -14.80 -15.64 -26.06
CA GLY C 23 -14.57 -14.47 -26.90
C GLY C 23 -13.38 -14.58 -27.82
N ALA C 24 -12.41 -15.41 -27.45
CA ALA C 24 -11.18 -15.58 -28.21
C ALA C 24 -11.23 -16.75 -29.21
N SER C 25 -12.11 -17.71 -28.96
CA SER C 25 -12.16 -18.93 -29.75
C SER C 25 -13.41 -19.01 -30.63
N ILE C 26 -14.57 -18.97 -29.99
CA ILE C 26 -15.85 -19.08 -30.67
C ILE C 26 -16.09 -17.94 -31.65
N PHE C 27 -15.83 -16.71 -31.22
CA PHE C 27 -16.18 -15.52 -31.99
C PHE C 27 -15.01 -14.81 -32.67
N SER C 28 -13.80 -15.37 -32.54
CA SER C 28 -12.61 -14.75 -33.13
C SER C 28 -11.86 -15.66 -34.11
N ILE C 29 -11.31 -16.76 -33.61
CA ILE C 29 -10.41 -17.60 -34.41
C ILE C 29 -11.09 -18.77 -35.11
N PHE C 30 -12.43 -18.82 -35.04
CA PHE C 30 -13.21 -19.90 -35.61
C PHE C 30 -13.01 -20.05 -37.13
N GLY C 31 -12.82 -18.92 -37.81
CA GLY C 31 -12.60 -18.90 -39.25
C GLY C 31 -11.27 -19.48 -39.67
N VAL C 32 -10.24 -19.28 -38.85
CA VAL C 32 -8.91 -19.83 -39.09
C VAL C 32 -8.89 -21.35 -38.83
N GLY C 33 -9.82 -21.81 -37.99
CA GLY C 33 -9.97 -23.23 -37.70
C GLY C 33 -10.81 -23.95 -38.74
N ALA C 34 -11.59 -23.19 -39.51
CA ALA C 34 -12.39 -23.73 -40.60
C ALA C 34 -11.49 -24.09 -41.78
N LYS C 35 -10.56 -23.20 -42.11
CA LYS C 35 -9.61 -23.39 -43.20
C LYS C 35 -8.64 -24.54 -42.93
N ILE C 36 -8.01 -24.52 -41.75
CA ILE C 36 -6.93 -25.45 -41.43
C ILE C 36 -7.44 -26.82 -40.97
N ALA C 37 -8.46 -26.82 -40.11
CA ALA C 37 -8.99 -28.08 -39.55
C ALA C 37 -10.12 -28.68 -40.38
N GLY C 38 -10.99 -27.82 -40.90
CA GLY C 38 -12.14 -28.27 -41.69
C GLY C 38 -13.18 -28.97 -40.85
N ARG C 39 -13.58 -30.16 -41.29
CA ARG C 39 -14.56 -30.99 -40.59
C ARG C 39 -13.99 -31.64 -39.33
N ASN C 40 -12.66 -31.61 -39.20
CA ASN C 40 -11.98 -32.17 -38.03
C ASN C 40 -11.80 -31.16 -36.89
N LEU C 41 -12.62 -30.11 -36.89
CA LEU C 41 -12.56 -29.04 -35.89
C LEU C 41 -13.00 -29.47 -34.48
N PRO C 42 -14.10 -30.25 -34.37
CA PRO C 42 -14.47 -30.74 -33.03
C PRO C 42 -13.34 -31.51 -32.36
N GLU C 43 -12.56 -32.26 -33.14
CA GLU C 43 -11.41 -33.00 -32.64
C GLU C 43 -10.29 -32.04 -32.23
N THR C 44 -10.12 -30.98 -33.02
CA THR C 44 -9.14 -29.92 -32.73
C THR C 44 -9.36 -29.29 -31.36
N PHE C 45 -10.63 -29.03 -31.02
CA PHE C 45 -10.99 -28.47 -29.72
C PHE C 45 -10.75 -29.45 -28.57
N ILE C 46 -11.01 -30.73 -28.83
CA ILE C 46 -10.74 -31.79 -27.85
C ILE C 46 -9.24 -31.92 -27.62
N LEU C 47 -8.48 -31.99 -28.71
CA LEU C 47 -7.03 -32.11 -28.67
C LEU C 47 -6.36 -30.92 -27.98
N SER C 48 -6.85 -29.72 -28.27
CA SER C 48 -6.35 -28.49 -27.63
C SER C 48 -6.68 -28.45 -26.14
N GLY C 49 -7.85 -28.99 -25.79
CA GLY C 49 -8.27 -29.14 -24.41
C GLY C 49 -7.37 -30.07 -23.63
N ILE C 50 -6.92 -31.14 -24.29
CA ILE C 50 -5.98 -32.10 -23.69
C ILE C 50 -4.68 -31.40 -23.32
N TYR C 51 -4.15 -30.59 -24.24
CA TYR C 51 -2.94 -29.81 -24.00
C TYR C 51 -3.13 -28.90 -22.79
N ALA C 52 -4.28 -28.24 -22.75
CA ALA C 52 -4.63 -27.30 -21.69
C ALA C 52 -4.69 -27.94 -20.31
N LEU C 53 -5.22 -29.17 -20.25
CA LEU C 53 -5.34 -29.89 -18.99
C LEU C 53 -3.98 -30.36 -18.48
N LEU C 54 -3.05 -30.61 -19.40
CA LEU C 54 -1.68 -30.96 -19.03
C LEU C 54 -0.96 -29.76 -18.43
N VAL C 55 -1.26 -28.57 -18.96
CA VAL C 55 -0.75 -27.31 -18.43
C VAL C 55 -1.45 -27.00 -17.10
N ALA C 56 -2.75 -27.28 -17.05
CA ALA C 56 -3.55 -27.10 -15.84
C ALA C 56 -3.01 -27.94 -14.68
N TYR C 57 -2.45 -29.10 -14.99
CA TYR C 57 -1.85 -29.97 -13.98
C TYR C 57 -0.75 -29.26 -13.21
N SER C 58 0.03 -28.44 -13.92
CA SER C 58 1.08 -27.63 -13.30
C SER C 58 0.51 -26.40 -12.59
N TYR C 59 -0.40 -25.68 -13.25
CA TYR C 59 -1.03 -24.47 -12.70
C TYR C 59 -1.78 -24.72 -11.39
N THR C 60 -2.60 -25.78 -11.38
CA THR C 60 -3.44 -26.11 -10.22
C THR C 60 -2.61 -26.53 -9.01
N LYS C 61 -1.51 -27.25 -9.26
CA LYS C 61 -0.61 -27.67 -8.20
C LYS C 61 0.17 -26.50 -7.61
N LEU C 62 0.67 -25.63 -8.49
CA LEU C 62 1.40 -24.43 -8.08
C LEU C 62 0.49 -23.38 -7.44
N GLY C 63 -0.69 -23.22 -8.01
CA GLY C 63 -1.65 -22.21 -7.55
C GLY C 63 -2.35 -22.56 -6.24
N ALA C 64 -2.11 -23.77 -5.75
CA ALA C 64 -2.69 -24.22 -4.48
C ALA C 64 -1.75 -23.95 -3.30
N LYS C 65 -0.50 -23.62 -3.60
CA LYS C 65 0.50 -23.35 -2.56
C LYS C 65 1.04 -21.93 -2.67
N ILE C 66 1.12 -21.42 -3.89
CA ILE C 66 1.70 -20.11 -4.17
C ILE C 66 0.62 -19.14 -4.64
N VAL C 67 0.24 -18.22 -3.75
CA VAL C 67 -0.81 -17.24 -4.01
C VAL C 67 -0.20 -15.88 -4.33
N SER C 68 -0.51 -15.36 -5.52
CA SER C 68 0.03 -14.06 -5.98
C SER C 68 -0.70 -13.52 -7.19
N ASN C 69 -0.94 -12.21 -7.20
CA ASN C 69 -1.45 -11.51 -8.38
C ASN C 69 -0.46 -11.51 -9.54
N ALA C 70 0.79 -11.88 -9.26
CA ALA C 70 1.84 -12.00 -10.27
C ALA C 70 1.62 -13.20 -11.19
N GLY C 71 0.83 -14.17 -10.72
CA GLY C 71 0.47 -15.33 -11.52
C GLY C 71 1.62 -16.29 -11.74
N PRO C 72 1.90 -16.65 -13.01
CA PRO C 72 2.97 -17.57 -13.36
C PRO C 72 4.36 -17.04 -13.01
N ILE C 73 4.46 -15.72 -12.89
CA ILE C 73 5.73 -15.05 -12.59
C ILE C 73 6.17 -15.33 -11.15
N ALA C 74 5.20 -15.54 -10.27
CA ALA C 74 5.50 -15.95 -8.90
C ALA C 74 6.09 -17.36 -8.89
N PHE C 75 5.43 -18.28 -9.61
CA PHE C 75 5.88 -19.68 -9.71
C PHE C 75 7.31 -19.76 -10.23
N ILE C 76 7.60 -18.97 -11.26
CA ILE C 76 8.92 -18.94 -11.90
C ILE C 76 9.99 -18.36 -10.99
N HIS C 77 9.65 -17.31 -10.25
CA HIS C 77 10.61 -16.71 -9.31
C HIS C 77 10.85 -17.59 -8.10
N LYS C 78 9.84 -18.32 -7.66
CA LYS C 78 9.97 -19.29 -6.56
C LYS C 78 10.88 -20.45 -6.99
N ALA C 79 10.96 -20.67 -8.31
CA ALA C 79 11.73 -21.79 -8.86
C ALA C 79 13.15 -21.42 -9.23
N ILE C 80 13.30 -20.41 -10.10
CA ILE C 80 14.61 -20.04 -10.65
C ILE C 80 15.10 -18.65 -10.20
N GLY C 81 14.45 -18.09 -9.18
CA GLY C 81 14.87 -16.81 -8.61
C GLY C 81 14.69 -15.63 -9.54
N ASP C 82 15.43 -14.55 -9.26
CA ASP C 82 15.38 -13.33 -10.06
C ASP C 82 16.55 -13.23 -11.04
N ASN C 83 16.22 -13.03 -12.31
CA ASN C 83 17.20 -12.92 -13.39
C ASN C 83 16.51 -12.43 -14.66
N ILE C 84 17.26 -12.30 -15.74
CA ILE C 84 16.70 -11.80 -17.01
C ILE C 84 15.69 -12.76 -17.65
N ILE C 85 15.79 -14.05 -17.32
CA ILE C 85 14.81 -15.04 -17.77
C ILE C 85 13.45 -14.73 -17.13
N THR C 86 13.44 -14.64 -15.80
CA THR C 86 12.23 -14.29 -15.03
C THR C 86 11.64 -12.96 -15.49
N GLY C 87 12.51 -11.96 -15.68
CA GLY C 87 12.09 -10.64 -16.12
C GLY C 87 11.50 -10.60 -17.52
N ALA C 88 12.14 -11.31 -18.46
CA ALA C 88 11.64 -11.39 -19.83
C ALA C 88 10.30 -12.12 -19.89
N LEU C 89 10.14 -13.12 -19.02
CA LEU C 89 8.89 -13.87 -18.94
C LEU C 89 7.73 -13.02 -18.43
N SER C 90 8.02 -12.04 -17.57
CA SER C 90 7.01 -11.12 -17.07
C SER C 90 6.54 -10.14 -18.13
N ILE C 91 7.46 -9.70 -18.98
CA ILE C 91 7.13 -8.84 -20.13
C ILE C 91 6.38 -9.67 -21.19
N LEU C 92 6.80 -10.93 -21.35
CA LEU C 92 6.12 -11.86 -22.24
C LEU C 92 4.66 -12.07 -21.84
N LEU C 93 4.42 -12.20 -20.53
CA LEU C 93 3.06 -12.28 -19.99
C LEU C 93 2.24 -11.05 -20.33
N TRP C 94 2.84 -9.87 -20.22
CA TRP C 94 2.18 -8.63 -20.61
C TRP C 94 1.90 -8.62 -22.11
N MET C 95 2.86 -9.11 -22.90
CA MET C 95 2.70 -9.24 -24.34
C MET C 95 1.54 -10.16 -24.72
N SER C 96 1.37 -11.24 -23.96
CA SER C 96 0.29 -12.19 -24.20
C SER C 96 -1.08 -11.51 -24.18
N TYR C 97 -1.22 -10.50 -23.32
CA TYR C 97 -2.42 -9.67 -23.27
C TYR C 97 -2.51 -8.70 -24.45
N VAL C 98 -1.38 -8.04 -24.75
CA VAL C 98 -1.27 -7.08 -25.85
C VAL C 98 -1.76 -7.70 -27.16
N ILE C 99 -1.20 -8.86 -27.51
CA ILE C 99 -1.52 -9.55 -28.76
C ILE C 99 -2.96 -10.09 -28.75
N SER C 100 -3.48 -10.41 -27.56
CA SER C 100 -4.85 -10.86 -27.41
C SER C 100 -5.85 -9.75 -27.72
N ILE C 101 -5.50 -8.52 -27.37
CA ILE C 101 -6.31 -7.34 -27.67
C ILE C 101 -6.47 -7.18 -29.18
N ALA C 102 -5.37 -7.38 -29.92
CA ALA C 102 -5.40 -7.41 -31.38
C ALA C 102 -6.35 -8.48 -31.90
N LEU C 103 -6.27 -9.67 -31.29
CA LEU C 103 -7.11 -10.80 -31.65
C LEU C 103 -8.60 -10.48 -31.46
N PHE C 104 -8.91 -9.79 -30.37
CA PHE C 104 -10.28 -9.38 -30.09
C PHE C 104 -10.74 -8.25 -31.00
N ALA C 105 -9.81 -7.37 -31.38
CA ALA C 105 -10.11 -6.27 -32.29
C ALA C 105 -10.58 -6.78 -33.66
N LYS C 106 -9.83 -7.73 -34.22
CA LYS C 106 -10.18 -8.38 -35.48
C LYS C 106 -11.51 -9.13 -35.40
N GLY C 107 -11.70 -9.87 -34.32
CA GLY C 107 -12.93 -10.64 -34.10
C GLY C 107 -14.16 -9.75 -34.02
N PHE C 108 -14.00 -8.58 -33.41
CA PHE C 108 -15.07 -7.60 -33.28
C PHE C 108 -15.48 -7.07 -34.65
N ALA C 109 -14.49 -6.72 -35.46
CA ALA C 109 -14.71 -6.22 -36.83
C ALA C 109 -15.37 -7.27 -37.71
N GLY C 110 -15.00 -8.53 -37.50
CA GLY C 110 -15.54 -9.65 -38.25
C GLY C 110 -17.03 -9.90 -38.05
N TYR C 111 -17.59 -9.31 -37.01
CA TYR C 111 -19.03 -9.43 -36.73
C TYR C 111 -19.75 -8.08 -36.78
N PHE C 112 -18.98 -6.99 -36.73
CA PHE C 112 -19.55 -5.65 -36.75
C PHE C 112 -20.01 -5.25 -38.15
N LEU C 113 -19.13 -5.44 -39.14
CA LEU C 113 -19.40 -5.05 -40.52
C LEU C 113 -20.48 -5.89 -41.22
N PRO C 114 -20.37 -7.24 -41.17
CA PRO C 114 -21.44 -8.08 -41.73
C PRO C 114 -22.77 -7.96 -40.98
N LEU C 115 -22.83 -7.11 -39.96
CA LEU C 115 -24.08 -6.80 -39.26
C LEU C 115 -24.69 -5.51 -39.80
N ILE C 116 -23.89 -4.45 -39.83
CA ILE C 116 -24.34 -3.15 -40.34
C ILE C 116 -24.26 -3.11 -41.86
N ALA C 118 -21.65 -3.01 -45.50
CA ALA C 118 -20.28 -2.56 -45.27
C ALA C 118 -19.26 -3.41 -46.03
N PRO C 119 -18.24 -2.77 -46.63
CA PRO C 119 -17.19 -3.51 -47.32
C PRO C 119 -16.13 -4.08 -46.38
N ILE C 120 -15.31 -4.99 -46.88
CA ILE C 120 -14.24 -5.61 -46.09
C ILE C 120 -12.89 -5.40 -46.80
N ASN C 121 -12.08 -4.52 -46.25
CA ASN C 121 -10.77 -4.18 -46.82
C ASN C 121 -9.76 -3.73 -45.77
N THR C 122 -8.48 -3.71 -46.15
CA THR C 122 -7.37 -3.38 -45.25
C THR C 122 -7.55 -2.06 -44.49
N PHE C 123 -8.23 -1.09 -45.13
CA PHE C 123 -8.51 0.20 -44.49
C PHE C 123 -9.73 0.13 -43.58
N ASN C 124 -10.83 -0.43 -44.08
CA ASN C 124 -12.05 -0.58 -43.29
C ASN C 124 -11.85 -1.44 -42.05
N ILE C 125 -11.03 -2.48 -42.17
CA ILE C 125 -10.68 -3.35 -41.04
C ILE C 125 -9.92 -2.56 -39.98
N ALA C 126 -8.87 -1.85 -40.40
CA ALA C 126 -8.07 -1.02 -39.51
C ALA C 126 -8.88 0.07 -38.79
N ILE C 127 -9.86 0.63 -39.49
CA ILE C 127 -10.74 1.66 -38.91
C ILE C 127 -11.60 1.07 -37.78
N THR C 128 -12.21 -0.08 -38.04
CA THR C 128 -13.03 -0.77 -37.04
C THR C 128 -12.18 -1.25 -35.87
N GLU C 129 -10.92 -1.60 -36.16
CA GLU C 129 -9.98 -2.06 -35.14
C GLU C 129 -9.50 -0.93 -34.23
N ILE C 130 -9.06 0.17 -34.82
CA ILE C 130 -8.60 1.34 -34.06
C ILE C 130 -9.74 1.91 -33.23
N GLY C 131 -10.94 1.96 -33.83
CA GLY C 131 -12.12 2.50 -33.18
C GLY C 131 -12.55 1.78 -31.90
N ILE C 132 -12.41 0.45 -31.88
CA ILE C 132 -12.82 -0.35 -30.73
C ILE C 132 -11.76 -0.37 -29.63
N VAL C 133 -10.48 -0.35 -30.03
CA VAL C 133 -9.36 -0.32 -29.08
C VAL C 133 -9.33 1.02 -28.34
N ALA C 134 -9.47 2.12 -29.09
CA ALA C 134 -9.48 3.46 -28.52
C ALA C 134 -10.66 3.70 -27.60
N PHE C 135 -11.79 3.07 -27.90
CA PHE C 135 -12.98 3.13 -27.05
C PHE C 135 -12.72 2.53 -25.67
N PHE C 136 -11.99 1.41 -25.65
CA PHE C 136 -11.62 0.76 -24.41
C PHE C 136 -10.48 1.47 -23.70
N THR C 137 -9.64 2.17 -24.48
CA THR C 137 -8.59 3.01 -23.92
C THR C 137 -9.19 4.21 -23.18
N ALA C 138 -10.28 4.75 -23.74
CA ALA C 138 -11.00 5.87 -23.14
C ALA C 138 -11.90 5.41 -22.00
N LEU C 139 -12.30 4.14 -22.04
CA LEU C 139 -13.21 3.56 -21.05
C LEU C 139 -12.63 3.58 -19.64
N ASN C 140 -11.30 3.61 -19.56
CA ASN C 140 -10.57 3.76 -18.30
C ASN C 140 -10.97 5.02 -17.52
N PHE C 141 -11.34 6.06 -18.25
CA PHE C 141 -11.62 7.36 -17.63
C PHE C 141 -13.10 7.63 -17.37
N PHE C 142 -13.98 6.73 -17.78
CA PHE C 142 -15.42 6.91 -17.53
C PHE C 142 -16.26 5.66 -17.20
N GLY C 143 -15.92 4.51 -17.78
CA GLY C 143 -16.80 3.35 -17.63
C GLY C 143 -16.25 1.93 -17.65
N SER C 144 -14.94 1.77 -17.41
CA SER C 144 -14.34 0.43 -17.37
C SER C 144 -14.89 -0.40 -16.21
N LYS C 145 -15.16 0.25 -15.08
CA LYS C 145 -15.78 -0.36 -13.91
C LYS C 145 -17.23 -0.77 -14.20
N ALA C 146 -17.94 0.10 -14.91
CA ALA C 146 -19.36 -0.10 -15.23
C ALA C 146 -19.57 -1.33 -16.13
N VAL C 147 -18.78 -1.44 -17.18
CA VAL C 147 -18.80 -2.60 -18.07
C VAL C 147 -18.39 -3.85 -17.29
N GLY C 148 -17.38 -3.70 -16.42
CA GLY C 148 -16.88 -4.77 -15.56
C GLY C 148 -17.93 -5.40 -14.65
N ARG C 149 -18.89 -4.60 -14.22
CA ARG C 149 -20.00 -5.09 -13.40
C ARG C 149 -21.01 -5.86 -14.22
N ALA C 150 -21.03 -5.60 -15.53
CA ALA C 150 -21.96 -6.27 -16.44
C ALA C 150 -21.39 -7.58 -17.01
N GLU C 151 -20.08 -7.76 -16.87
CA GLU C 151 -19.37 -8.92 -17.44
C GLU C 151 -19.99 -10.27 -17.09
N PHE C 152 -20.37 -10.45 -15.83
CA PHE C 152 -20.96 -11.70 -15.36
C PHE C 152 -22.30 -11.99 -16.04
N PHE C 153 -23.08 -10.94 -16.26
CA PHE C 153 -24.38 -11.06 -16.94
C PHE C 153 -24.19 -11.39 -18.43
N ILE C 154 -23.28 -10.67 -19.08
CA ILE C 154 -22.95 -10.87 -20.51
C ILE C 154 -22.53 -12.32 -20.80
N VAL C 155 -21.80 -12.92 -19.86
CA VAL C 155 -21.36 -14.31 -19.98
C VAL C 155 -22.54 -15.28 -19.90
N LEU C 156 -23.41 -15.08 -18.92
CA LEU C 156 -24.61 -15.92 -18.75
C LEU C 156 -25.54 -15.87 -19.96
N VAL C 157 -25.68 -14.68 -20.55
CA VAL C 157 -26.55 -14.49 -21.71
C VAL C 157 -26.00 -15.17 -22.96
N LYS C 158 -24.71 -14.97 -23.25
CA LYS C 158 -24.08 -15.58 -24.42
C LYS C 158 -23.99 -17.11 -24.31
N LEU C 159 -24.00 -17.63 -23.08
CA LEU C 159 -24.07 -19.07 -22.85
C LEU C 159 -25.46 -19.62 -23.17
N LEU C 160 -26.49 -18.79 -22.94
CA LEU C 160 -27.85 -19.14 -23.32
C LEU C 160 -28.05 -18.98 -24.82
N ILE C 161 -27.41 -17.95 -25.40
CA ILE C 161 -27.43 -17.71 -26.84
C ILE C 161 -26.77 -18.87 -27.61
N LEU C 162 -25.58 -19.26 -27.16
CA LEU C 162 -24.88 -20.41 -27.72
C LEU C 162 -25.52 -21.73 -27.30
N GLY C 163 -26.24 -21.70 -26.17
CA GLY C 163 -26.94 -22.88 -25.66
C GLY C 163 -28.13 -23.28 -26.50
N LEU C 164 -28.83 -22.28 -27.03
CA LEU C 164 -29.93 -22.50 -27.97
C LEU C 164 -29.35 -22.90 -29.33
N PHE C 165 -28.23 -22.28 -29.70
CA PHE C 165 -27.51 -22.58 -30.95
C PHE C 165 -27.12 -24.05 -31.04
N ILE C 166 -26.80 -24.65 -29.88
CA ILE C 166 -26.44 -26.07 -29.81
C ILE C 166 -27.66 -26.96 -29.99
N PHE C 167 -28.65 -26.83 -29.09
CA PHE C 167 -29.79 -27.75 -29.05
C PHE C 167 -30.81 -27.58 -30.18
N ALA C 168 -30.94 -26.35 -30.70
CA ALA C 168 -31.78 -26.11 -31.87
C ALA C 168 -31.10 -26.61 -33.14
N GLY C 169 -29.77 -26.58 -33.15
CA GLY C 169 -28.98 -27.11 -34.24
C GLY C 169 -28.99 -28.64 -34.31
N LEU C 170 -29.29 -29.26 -33.18
CA LEU C 170 -29.37 -30.73 -33.07
C LEU C 170 -30.69 -31.30 -33.58
N ILE C 171 -31.46 -30.47 -34.29
CA ILE C 171 -32.70 -30.91 -34.93
C ILE C 171 -32.53 -30.86 -36.44
N THR C 172 -31.67 -29.94 -36.90
CA THR C 172 -31.45 -29.70 -38.33
C THR C 172 -30.05 -30.09 -38.77
N ILE C 173 -29.43 -31.01 -38.04
CA ILE C 173 -28.06 -31.48 -38.33
C ILE C 173 -27.95 -32.25 -39.65
N HIS C 174 -26.79 -32.13 -40.28
CA HIS C 174 -26.43 -32.97 -41.42
C HIS C 174 -25.27 -33.90 -41.00
N PRO C 175 -25.61 -35.07 -40.43
CA PRO C 175 -24.63 -36.01 -39.86
C PRO C 175 -23.54 -36.47 -40.84
N SER C 176 -23.79 -36.33 -42.14
CA SER C 176 -22.82 -36.69 -43.17
C SER C 176 -21.64 -35.72 -43.23
N TYR C 177 -21.89 -34.46 -42.86
CA TYR C 177 -20.84 -33.45 -42.88
C TYR C 177 -19.99 -33.46 -41.60
N VAL C 178 -20.56 -34.02 -40.53
CA VAL C 178 -19.89 -34.11 -39.23
C VAL C 178 -18.82 -35.20 -39.21
N ILE C 179 -19.17 -36.40 -39.68
CA ILE C 179 -18.30 -37.58 -39.64
C ILE C 179 -16.82 -37.23 -39.94
N PRO C 180 -15.91 -37.54 -38.98
CA PRO C 180 -14.51 -37.12 -39.04
C PRO C 180 -13.76 -37.63 -40.26
N ASP C 181 -12.98 -36.73 -40.85
CA ASP C 181 -12.13 -37.04 -42.01
C ASP C 181 -10.96 -37.92 -41.58
N LEU C 182 -10.48 -38.75 -42.50
CA LEU C 182 -9.42 -39.72 -42.20
C LEU C 182 -8.15 -39.50 -43.02
N ALA C 183 -8.24 -38.66 -44.05
CA ALA C 183 -7.11 -38.38 -44.95
C ALA C 183 -5.95 -37.68 -44.24
N PRO C 184 -4.70 -38.09 -44.54
CA PRO C 184 -3.48 -37.58 -43.89
C PRO C 184 -3.36 -36.06 -43.83
N SER C 185 -3.68 -35.36 -44.91
CA SER C 185 -3.59 -33.90 -44.97
C SER C 185 -4.66 -33.20 -44.13
N ALA C 186 -5.78 -33.90 -43.90
CA ALA C 186 -6.84 -33.40 -43.03
C ALA C 186 -6.55 -33.72 -41.57
N VAL C 187 -5.92 -34.87 -41.34
CA VAL C 187 -5.50 -35.28 -40.00
C VAL C 187 -4.35 -34.41 -39.49
N SER C 188 -3.34 -34.21 -40.33
CA SER C 188 -2.22 -33.31 -40.02
C SER C 188 -2.69 -31.86 -39.93
N GLY C 189 -3.69 -31.51 -40.76
CA GLY C 189 -4.32 -30.20 -40.72
C GLY C 189 -5.06 -29.98 -39.41
N MET C 190 -5.68 -31.04 -38.90
CA MET C 190 -6.36 -31.01 -37.60
C MET C 190 -5.34 -30.85 -36.46
N ILE C 191 -4.20 -31.53 -36.57
CA ILE C 191 -3.13 -31.44 -35.58
C ILE C 191 -2.47 -30.05 -35.61
N PHE C 192 -2.23 -29.53 -36.81
CA PHE C 192 -1.67 -28.19 -36.98
C PHE C 192 -2.59 -27.11 -36.42
N ALA C 193 -3.90 -27.33 -36.54
CA ALA C 193 -4.89 -26.40 -36.02
C ALA C 193 -4.92 -26.42 -34.49
N SER C 194 -4.69 -27.58 -33.90
CA SER C 194 -4.67 -27.73 -32.44
C SER C 194 -3.52 -26.94 -31.80
N ALA C 195 -2.46 -26.71 -32.58
CA ALA C 195 -1.33 -25.89 -32.15
C ALA C 195 -1.70 -24.41 -32.09
N ILE C 196 -2.42 -23.93 -33.11
CA ILE C 196 -2.89 -22.56 -33.17
C ILE C 196 -4.05 -22.34 -32.19
N PHE C 197 -4.73 -23.44 -31.85
CA PHE C 197 -5.89 -23.38 -30.96
C PHE C 197 -5.55 -23.69 -29.50
N PHE C 198 -4.28 -23.52 -29.14
CA PHE C 198 -3.87 -23.64 -27.74
C PHE C 198 -4.40 -22.42 -26.98
N LEU C 199 -4.41 -21.27 -27.65
CA LEU C 199 -4.92 -20.02 -27.08
C LEU C 199 -6.40 -20.09 -26.69
N SER C 200 -7.11 -21.05 -27.28
CA SER C 200 -8.53 -21.26 -26.98
C SER C 200 -8.81 -21.50 -25.49
N TYR C 201 -7.76 -21.84 -24.75
CA TYR C 201 -7.86 -22.07 -23.32
C TYR C 201 -6.91 -21.14 -22.54
N MET C 202 -7.07 -19.84 -22.76
CA MET C 202 -6.18 -18.82 -22.20
C MET C 202 -6.63 -18.28 -20.84
N GLY C 203 -7.61 -18.95 -20.22
CA GLY C 203 -8.15 -18.56 -18.92
C GLY C 203 -7.15 -18.55 -17.78
N PHE C 204 -6.00 -19.19 -17.99
CA PHE C 204 -4.91 -19.21 -17.01
C PHE C 204 -4.51 -17.80 -16.58
N GLY C 205 -4.49 -16.87 -17.54
CA GLY C 205 -4.06 -15.50 -17.31
C GLY C 205 -4.93 -14.69 -16.38
N VAL C 206 -6.21 -14.54 -16.74
CA VAL C 206 -7.13 -13.71 -15.97
C VAL C 206 -7.40 -14.22 -14.55
N ILE C 207 -7.28 -15.53 -14.35
CA ILE C 207 -7.50 -16.13 -13.03
C ILE C 207 -6.31 -15.88 -12.12
N THR C 208 -5.11 -16.24 -12.58
CA THR C 208 -3.90 -16.16 -11.75
C THR C 208 -3.45 -14.73 -11.48
N ASN C 209 -3.65 -13.85 -12.46
CA ASN C 209 -3.38 -12.43 -12.28
C ASN C 209 -4.40 -11.76 -11.34
N ALA C 210 -5.46 -12.49 -11.01
CA ALA C 210 -6.48 -12.01 -10.10
C ALA C 210 -6.55 -12.85 -8.83
N SER C 211 -5.56 -13.70 -8.61
CA SER C 211 -5.63 -14.71 -7.54
C SER C 211 -5.74 -14.14 -6.12
N GLU C 212 -5.02 -13.06 -5.84
CA GLU C 212 -5.12 -12.39 -4.53
C GLU C 212 -6.43 -11.61 -4.37
N HIS C 213 -7.15 -11.42 -5.47
CA HIS C 213 -8.49 -10.81 -5.44
C HIS C 213 -9.58 -11.87 -5.54
N ILE C 214 -9.22 -13.12 -5.25
CA ILE C 214 -10.18 -14.23 -5.26
C ILE C 214 -10.30 -14.83 -3.87
N GLU C 215 -11.54 -15.00 -3.39
CA GLU C 215 -11.81 -15.63 -2.11
C GLU C 215 -11.22 -17.03 -2.02
N ASN C 216 -10.60 -17.34 -0.89
CA ASN C 216 -9.94 -18.63 -0.66
C ASN C 216 -9.12 -19.07 -1.88
N PRO C 217 -8.07 -18.31 -2.25
CA PRO C 217 -7.33 -18.50 -3.50
C PRO C 217 -6.67 -19.87 -3.67
N LYS C 218 -6.17 -20.44 -2.57
CA LYS C 218 -5.53 -21.78 -2.59
C LYS C 218 -6.52 -22.86 -3.03
N LYS C 219 -7.80 -22.62 -2.77
CA LYS C 219 -8.86 -23.55 -3.10
C LYS C 219 -9.49 -23.17 -4.44
N ASN C 220 -9.86 -21.89 -4.58
CA ASN C 220 -10.69 -21.43 -5.70
C ASN C 220 -9.97 -21.09 -7.01
N VAL C 221 -8.66 -20.86 -6.95
CA VAL C 221 -7.88 -20.64 -8.17
C VAL C 221 -7.67 -21.93 -8.96
N PRO C 222 -7.21 -23.03 -8.31
CA PRO C 222 -7.09 -24.31 -9.01
C PRO C 222 -8.45 -24.80 -9.53
N ARG C 223 -9.49 -24.66 -8.70
CA ARG C 223 -10.84 -25.04 -9.08
C ARG C 223 -11.35 -24.23 -10.27
N ALA C 224 -11.12 -22.92 -10.24
CA ALA C 224 -11.56 -22.03 -11.31
C ALA C 224 -10.94 -22.40 -12.65
N ILE C 225 -9.63 -22.63 -12.66
CA ILE C 225 -8.90 -23.05 -13.86
C ILE C 225 -9.49 -24.35 -14.44
N PHE C 226 -9.71 -25.33 -13.56
CA PHE C 226 -10.18 -26.65 -13.97
C PHE C 226 -11.64 -26.64 -14.46
N ILE C 227 -12.54 -26.05 -13.69
CA ILE C 227 -13.94 -25.94 -14.07
C ILE C 227 -14.11 -25.15 -15.37
N SER C 228 -13.32 -24.09 -15.51
CA SER C 228 -13.41 -23.18 -16.65
C SER C 228 -13.02 -23.83 -17.99
N ILE C 229 -12.03 -24.71 -17.97
CA ILE C 229 -11.58 -25.43 -19.16
C ILE C 229 -12.65 -26.43 -19.62
N LEU C 230 -13.23 -27.15 -18.66
CA LEU C 230 -14.24 -28.18 -18.95
C LEU C 230 -15.53 -27.60 -19.54
N ILE C 231 -15.94 -26.43 -19.03
CA ILE C 231 -17.13 -25.74 -19.54
C ILE C 231 -16.93 -25.32 -21.00
N VAL C 232 -15.81 -24.67 -21.29
CA VAL C 232 -15.55 -24.19 -22.65
C VAL C 232 -15.26 -25.33 -23.64
N MET C 233 -14.63 -26.40 -23.17
CA MET C 233 -14.33 -27.56 -24.01
C MET C 233 -15.61 -28.19 -24.55
N PHE C 234 -16.59 -28.40 -23.67
CA PHE C 234 -17.89 -28.93 -24.07
C PHE C 234 -18.69 -27.93 -24.91
N VAL C 235 -18.56 -26.65 -24.60
CA VAL C 235 -19.18 -25.58 -25.39
C VAL C 235 -18.55 -25.52 -26.78
N TYR C 236 -17.22 -25.55 -26.85
CA TYR C 236 -16.51 -25.54 -28.13
C TYR C 236 -16.99 -26.67 -29.05
N VAL C 237 -16.95 -27.89 -28.54
CA VAL C 237 -17.35 -29.08 -29.29
C VAL C 237 -18.84 -29.02 -29.65
N GLY C 238 -19.67 -28.74 -28.66
CA GLY C 238 -21.12 -28.62 -28.85
C GLY C 238 -21.53 -27.60 -29.90
N VAL C 239 -20.73 -26.55 -30.05
CA VAL C 239 -20.96 -25.51 -31.06
C VAL C 239 -20.34 -25.91 -32.40
N ALA C 240 -19.13 -26.46 -32.36
CA ALA C 240 -18.39 -26.85 -33.58
C ALA C 240 -19.13 -27.85 -34.46
N ILE C 241 -19.80 -28.80 -33.84
CA ILE C 241 -20.61 -29.81 -34.53
C ILE C 241 -21.78 -29.15 -35.26
N SER C 242 -22.50 -28.28 -34.55
CA SER C 242 -23.63 -27.54 -35.11
C SER C 242 -23.26 -26.69 -36.33
N ALA C 243 -22.13 -25.99 -36.26
CA ALA C 243 -21.71 -25.08 -37.31
C ALA C 243 -21.33 -25.79 -38.62
N ILE C 244 -20.65 -26.93 -38.48
CA ILE C 244 -20.19 -27.71 -39.64
C ILE C 244 -21.35 -28.53 -40.23
N GLY C 245 -22.21 -29.06 -39.36
CA GLY C 245 -23.36 -29.85 -39.79
C GLY C 245 -24.60 -29.02 -40.08
N ASN C 246 -24.41 -27.81 -40.60
CA ASN C 246 -25.49 -26.90 -40.99
C ASN C 246 -25.10 -25.94 -42.10
N LEU C 247 -23.82 -25.98 -42.47
CA LEU C 247 -23.28 -25.14 -43.54
C LEU C 247 -22.03 -25.79 -44.13
N PRO C 248 -21.92 -25.85 -45.46
CA PRO C 248 -20.72 -26.42 -46.10
C PRO C 248 -19.44 -25.71 -45.68
N ILE C 249 -18.42 -26.50 -45.33
CA ILE C 249 -17.18 -25.98 -44.74
C ILE C 249 -16.47 -24.94 -45.62
N ASP C 250 -16.57 -25.11 -46.93
CA ASP C 250 -15.95 -24.17 -47.89
C ASP C 250 -16.65 -22.80 -47.90
N GLU C 251 -17.94 -22.78 -47.57
CA GLU C 251 -18.67 -21.52 -47.39
C GLU C 251 -18.29 -20.86 -46.07
N LEU C 252 -17.97 -21.68 -45.08
CA LEU C 252 -17.48 -21.20 -43.79
C LEU C 252 -16.08 -20.60 -43.90
N ILE C 253 -15.25 -21.18 -44.77
CA ILE C 253 -13.92 -20.62 -45.05
C ILE C 253 -14.06 -19.32 -45.83
N LYS C 254 -15.05 -19.26 -46.71
CA LYS C 254 -15.39 -18.04 -47.45
C LYS C 254 -15.86 -16.94 -46.49
N ALA C 255 -16.95 -17.22 -45.76
CA ALA C 255 -17.45 -16.30 -44.73
C ALA C 255 -16.77 -16.60 -43.40
N SER C 256 -15.46 -16.35 -43.37
CA SER C 256 -14.60 -16.69 -42.23
C SER C 256 -14.82 -15.78 -41.03
N GLU C 257 -14.75 -14.47 -41.27
CA GLU C 257 -14.78 -13.45 -40.21
C GLU C 257 -16.01 -13.48 -39.32
N ASN C 258 -17.14 -13.96 -39.86
CA ASN C 258 -18.38 -14.12 -39.10
C ASN C 258 -18.98 -15.51 -39.27
N ALA C 259 -18.12 -16.52 -39.18
CA ALA C 259 -18.49 -17.92 -39.42
C ALA C 259 -19.82 -18.34 -38.79
N LEU C 260 -20.01 -18.02 -37.50
CA LEU C 260 -21.20 -18.45 -36.77
C LEU C 260 -22.45 -17.63 -37.10
N ALA C 261 -22.27 -16.43 -37.64
CA ALA C 261 -23.38 -15.57 -38.02
C ALA C 261 -24.17 -16.19 -39.19
N VAL C 262 -23.46 -16.62 -40.22
CA VAL C 262 -24.06 -17.23 -41.40
C VAL C 262 -24.61 -18.62 -41.08
N ALA C 263 -23.88 -19.38 -40.28
CA ALA C 263 -24.20 -20.78 -39.96
C ALA C 263 -25.52 -20.96 -39.21
N ALA C 264 -26.05 -19.87 -38.65
CA ALA C 264 -27.31 -19.92 -37.92
C ALA C 264 -28.52 -19.74 -38.85
N LYS C 265 -28.29 -19.05 -39.98
CA LYS C 265 -29.35 -18.72 -40.94
C LYS C 265 -30.14 -19.92 -41.50
N PRO C 266 -29.45 -21.02 -41.88
CA PRO C 266 -30.17 -22.18 -42.42
C PRO C 266 -31.14 -22.85 -41.44
N PHE C 267 -31.06 -22.54 -40.15
CA PHE C 267 -31.94 -23.19 -39.16
C PHE C 267 -32.59 -22.29 -38.11
N LEU C 268 -32.27 -21.00 -38.14
CA LEU C 268 -32.87 -20.03 -37.22
C LEU C 268 -33.43 -18.79 -37.92
N GLY C 269 -32.94 -18.53 -39.12
CA GLY C 269 -33.38 -17.36 -39.90
C GLY C 269 -32.57 -16.12 -39.56
N ASN C 270 -33.20 -14.96 -39.71
CA ASN C 270 -32.56 -13.68 -39.36
C ASN C 270 -32.65 -13.33 -37.88
N LEU C 271 -33.66 -13.90 -37.20
CA LEU C 271 -33.79 -13.79 -35.74
C LEU C 271 -32.61 -14.45 -35.03
N GLY C 272 -32.12 -15.54 -35.62
CA GLY C 272 -30.95 -16.25 -35.12
C GLY C 272 -29.64 -15.61 -35.56
N PHE C 273 -29.60 -15.13 -36.80
CA PHE C 273 -28.42 -14.44 -37.34
C PHE C 273 -28.06 -13.23 -36.50
N LEU C 274 -29.07 -12.40 -36.21
CA LEU C 274 -28.88 -11.17 -35.45
C LEU C 274 -28.46 -11.48 -34.03
N LEU C 275 -29.08 -12.50 -33.43
CA LEU C 275 -28.78 -12.94 -32.07
C LEU C 275 -27.32 -13.37 -31.92
N ILE C 276 -26.81 -14.13 -32.88
CA ILE C 276 -25.41 -14.57 -32.89
C ILE C 276 -24.47 -13.39 -33.16
N SER C 277 -24.90 -12.46 -34.00
CA SER C 277 -24.12 -11.26 -34.30
C SER C 277 -24.02 -10.35 -33.08
N ILE C 278 -25.15 -10.06 -32.45
CA ILE C 278 -25.22 -9.24 -31.23
C ILE C 278 -24.47 -9.93 -30.10
N GLY C 279 -24.75 -11.22 -29.91
CA GLY C 279 -24.11 -12.03 -28.87
C GLY C 279 -22.60 -12.07 -29.00
N ALA C 280 -22.11 -11.99 -30.23
CA ALA C 280 -20.67 -12.01 -30.51
C ALA C 280 -19.99 -10.71 -30.07
N LEU C 281 -20.60 -9.59 -30.43
CA LEU C 281 -20.03 -8.26 -30.18
C LEU C 281 -19.81 -8.02 -28.68
N PHE C 282 -20.82 -8.36 -27.87
CA PHE C 282 -20.74 -8.19 -26.43
C PHE C 282 -19.83 -9.22 -25.77
N SER C 283 -19.77 -10.42 -26.35
CA SER C 283 -18.85 -11.46 -25.89
C SER C 283 -17.42 -10.98 -25.98
N ILE C 284 -17.06 -10.42 -27.13
CA ILE C 284 -15.73 -9.87 -27.37
C ILE C 284 -15.50 -8.63 -26.50
N SER C 285 -16.53 -7.81 -26.36
CA SER C 285 -16.47 -6.61 -25.53
C SER C 285 -16.07 -6.94 -24.09
N SER C 286 -16.77 -7.89 -23.48
CA SER C 286 -16.50 -8.31 -22.11
C SER C 286 -15.16 -9.02 -21.97
N ALA C 287 -14.72 -9.66 -23.05
CA ALA C 287 -13.43 -10.33 -23.08
C ALA C 287 -12.29 -9.33 -23.11
N MET C 288 -12.49 -8.24 -23.83
CA MET C 288 -11.51 -7.15 -23.92
C MET C 288 -11.38 -6.42 -22.60
N ASN C 289 -12.53 -6.09 -22.01
CA ASN C 289 -12.59 -5.43 -20.72
C ASN C 289 -11.86 -6.23 -19.64
N ALA C 290 -12.02 -7.55 -19.67
CA ALA C 290 -11.35 -8.44 -18.73
C ALA C 290 -9.86 -8.57 -19.02
N THR C 291 -9.51 -8.53 -20.29
CA THR C 291 -8.12 -8.66 -20.73
C THR C 291 -7.31 -7.40 -20.40
N ILE C 292 -7.90 -6.24 -20.64
CA ILE C 292 -7.23 -4.97 -20.35
C ILE C 292 -7.33 -4.63 -18.86
N TYR C 293 -8.55 -4.65 -18.34
CA TYR C 293 -8.81 -4.28 -16.95
C TYR C 293 -9.00 -5.51 -16.08
N GLY C 294 -7.87 -6.12 -15.74
CA GLY C 294 -7.82 -7.34 -14.97
C GLY C 294 -6.53 -8.10 -15.27
N GLY C 295 -6.11 -8.02 -16.53
CA GLY C 295 -4.94 -8.77 -16.99
C GLY C 295 -3.76 -7.89 -17.38
N ALA C 296 -3.89 -7.18 -18.50
CA ALA C 296 -2.84 -6.32 -19.03
C ALA C 296 -2.31 -5.30 -18.02
N ASN C 297 -3.24 -4.66 -17.30
CA ASN C 297 -2.90 -3.69 -16.26
C ASN C 297 -2.06 -4.28 -15.13
N VAL C 298 -2.40 -5.50 -14.73
CA VAL C 298 -1.67 -6.21 -13.68
C VAL C 298 -0.29 -6.63 -14.19
N ALA C 299 -0.27 -7.29 -15.35
CA ALA C 299 0.97 -7.78 -15.96
C ALA C 299 1.96 -6.66 -16.31
N TYR C 300 1.44 -5.49 -16.70
CA TYR C 300 2.29 -4.34 -17.00
C TYR C 300 3.01 -3.81 -15.77
N SER C 301 2.25 -3.50 -14.71
CA SER C 301 2.83 -2.97 -13.47
C SER C 301 3.81 -3.95 -12.83
N LEU C 302 3.54 -5.24 -12.99
CA LEU C 302 4.41 -6.29 -12.47
C LEU C 302 5.74 -6.31 -13.22
N ALA C 303 5.66 -6.23 -14.55
CA ALA C 303 6.87 -6.20 -15.39
C ALA C 303 7.64 -4.90 -15.21
N LYS C 304 6.93 -3.82 -14.91
CA LYS C 304 7.55 -2.52 -14.71
C LYS C 304 8.22 -2.37 -13.34
N ASP C 305 7.58 -2.88 -12.28
CA ASP C 305 8.02 -2.61 -10.91
C ASP C 305 8.71 -3.77 -10.19
N GLY C 306 8.48 -5.00 -10.65
CA GLY C 306 9.02 -6.18 -10.00
C GLY C 306 8.13 -6.70 -8.88
N GLU C 307 7.05 -5.96 -8.62
CA GLU C 307 6.04 -6.33 -7.62
C GLU C 307 4.75 -5.57 -7.91
N LEU C 308 3.70 -5.94 -7.21
CA LEU C 308 2.39 -5.32 -7.39
C LEU C 308 1.95 -4.62 -6.11
N PRO C 309 1.08 -3.61 -6.24
CA PRO C 309 0.50 -2.96 -5.07
C PRO C 309 -0.34 -3.95 -4.27
N GLU C 310 -0.35 -3.80 -2.94
CA GLU C 310 -1.13 -4.67 -2.08
C GLU C 310 -2.62 -4.37 -2.20
N PHE C 311 -2.95 -3.12 -2.50
CA PHE C 311 -4.35 -2.69 -2.65
C PHE C 311 -4.55 -1.86 -3.91
N PHE C 312 -5.40 -2.37 -4.80
CA PHE C 312 -5.73 -1.67 -6.06
C PHE C 312 -7.05 -2.13 -6.65
N GLU C 313 -7.67 -1.22 -7.41
CA GLU C 313 -8.89 -1.50 -8.15
C GLU C 313 -8.55 -2.18 -9.48
N ARG C 314 -9.03 -3.42 -9.61
CA ARG C 314 -8.74 -4.30 -10.76
C ARG C 314 -9.31 -3.79 -12.08
N LYS C 315 -10.48 -3.17 -12.03
CA LYS C 315 -11.25 -2.87 -13.24
C LYS C 315 -10.95 -1.50 -13.84
N VAL C 316 -9.83 -0.91 -13.44
CA VAL C 316 -9.28 0.29 -14.08
C VAL C 316 -7.79 0.10 -14.26
N TRP C 317 -7.17 0.92 -15.11
CA TRP C 317 -5.72 0.95 -15.18
C TRP C 317 -5.25 1.69 -13.93
N PHE C 318 -4.95 0.92 -12.90
CA PHE C 318 -4.76 1.41 -11.54
C PHE C 318 -3.42 2.10 -11.27
N LYS C 319 -2.44 1.85 -12.14
CA LYS C 319 -1.09 2.39 -11.96
C LYS C 319 -0.37 2.48 -13.29
N SER C 320 0.52 3.46 -13.41
CA SER C 320 1.31 3.71 -14.62
C SER C 320 0.45 3.80 -15.89
N THR C 321 -0.25 4.92 -16.02
CA THR C 321 -1.23 5.14 -17.11
C THR C 321 -0.59 5.08 -18.50
N GLU C 322 0.67 5.46 -18.62
CA GLU C 322 1.37 5.41 -19.92
C GLU C 322 1.32 4.00 -20.50
N GLY C 323 1.32 3.00 -19.63
CA GLY C 323 1.21 1.60 -20.02
C GLY C 323 -0.08 1.26 -20.71
N LEU C 324 -1.17 1.94 -20.34
CA LEU C 324 -2.46 1.75 -21.00
C LEU C 324 -2.38 2.10 -22.49
N TYR C 325 -1.73 3.22 -22.79
CA TYR C 325 -1.57 3.66 -24.17
C TYR C 325 -0.59 2.78 -24.95
N ILE C 326 0.49 2.38 -24.29
CA ILE C 326 1.46 1.45 -24.89
C ILE C 326 0.79 0.12 -25.23
N THR C 327 0.04 -0.43 -24.28
CA THR C 327 -0.72 -1.67 -24.49
C THR C 327 -1.71 -1.55 -25.64
N SER C 328 -2.37 -0.40 -25.74
CA SER C 328 -3.30 -0.12 -26.83
C SER C 328 -2.61 0.09 -28.17
N ALA C 329 -1.43 0.73 -28.14
CA ALA C 329 -0.66 1.02 -29.35
C ALA C 329 -0.12 -0.24 -30.02
N LEU C 330 0.68 -1.01 -29.28
CA LEU C 330 1.21 -2.29 -29.77
C LEU C 330 0.11 -3.30 -30.04
N GLY C 331 -1.06 -3.08 -29.42
CA GLY C 331 -2.27 -3.86 -29.72
C GLY C 331 -2.77 -3.61 -31.12
N VAL C 332 -2.59 -2.39 -31.61
CA VAL C 332 -2.94 -2.04 -32.98
C VAL C 332 -1.82 -2.46 -33.93
N LEU C 333 -0.58 -2.23 -33.50
CA LEU C 333 0.61 -2.57 -34.29
C LEU C 333 0.70 -4.07 -34.64
N PHE C 334 -0.02 -4.90 -33.88
CA PHE C 334 -0.09 -6.33 -34.16
C PHE C 334 -1.31 -6.69 -34.99
N ALA C 335 -2.34 -5.84 -34.94
CA ALA C 335 -3.54 -6.03 -35.74
C ALA C 335 -3.39 -5.45 -37.15
N LEU C 336 -2.46 -4.52 -37.31
CA LEU C 336 -2.21 -3.90 -38.62
C LEU C 336 -1.42 -4.82 -39.53
N LEU C 337 -0.28 -5.30 -39.03
CA LEU C 337 0.62 -6.15 -39.80
C LEU C 337 0.00 -7.50 -40.17
N PHE C 338 -0.23 -8.33 -39.15
CA PHE C 338 -0.65 -9.71 -39.35
C PHE C 338 -2.15 -9.85 -39.55
N ASN C 339 -2.56 -10.93 -40.21
CA ASN C 339 -3.96 -11.30 -40.33
C ASN C 339 -4.40 -12.18 -39.15
N MET C 340 -5.65 -12.60 -39.13
CA MET C 340 -6.20 -13.38 -38.00
C MET C 340 -5.38 -14.65 -37.71
N GLU C 341 -4.91 -15.32 -38.76
CA GLU C 341 -4.06 -16.50 -38.60
C GLU C 341 -2.74 -16.14 -37.94
N GLY C 342 -2.16 -15.01 -38.34
CA GLY C 342 -0.92 -14.50 -37.76
C GLY C 342 -1.04 -14.20 -36.28
N VAL C 343 -1.98 -13.32 -35.94
CA VAL C 343 -2.23 -12.94 -34.54
C VAL C 343 -2.44 -14.18 -33.67
N ALA C 344 -3.31 -15.09 -34.12
CA ALA C 344 -3.60 -16.33 -33.41
C ALA C 344 -2.35 -17.19 -33.22
N SER C 345 -1.51 -17.26 -34.25
CA SER C 345 -0.29 -18.06 -34.22
C SER C 345 0.74 -17.52 -33.23
N ILE C 346 0.86 -16.19 -33.18
CA ILE C 346 1.79 -15.52 -32.27
C ILE C 346 1.29 -15.64 -30.82
N THR C 347 -0.02 -15.49 -30.64
CA THR C 347 -0.66 -15.61 -29.33
C THR C 347 -0.37 -16.96 -28.70
N SER C 348 -0.63 -18.04 -29.45
CA SER C 348 -0.40 -19.41 -28.97
C SER C 348 1.07 -19.68 -28.66
N ALA C 349 1.95 -19.14 -29.51
CA ALA C 349 3.39 -19.27 -29.33
C ALA C 349 3.88 -18.62 -28.04
N VAL C 350 3.38 -17.41 -27.78
CA VAL C 350 3.72 -16.66 -26.57
C VAL C 350 3.20 -17.38 -25.32
N PHE C 351 1.97 -17.88 -25.39
CA PHE C 351 1.36 -18.62 -24.28
C PHE C 351 2.09 -19.92 -23.96
N MET C 352 2.50 -20.63 -25.00
CA MET C 352 3.19 -21.91 -24.83
C MET C 352 4.53 -21.78 -24.12
N VAL C 353 5.29 -20.75 -24.46
CA VAL C 353 6.59 -20.49 -23.81
C VAL C 353 6.37 -20.16 -22.33
N ILE C 354 5.34 -19.36 -22.05
CA ILE C 354 4.92 -19.08 -20.68
C ILE C 354 4.58 -20.40 -19.96
N TYR C 355 3.76 -21.23 -20.59
CA TYR C 355 3.35 -22.51 -20.00
C TYR C 355 4.54 -23.46 -19.80
N LEU C 356 5.45 -23.49 -20.78
CA LEU C 356 6.66 -24.32 -20.70
C LEU C 356 7.50 -24.03 -19.47
N PHE C 357 7.67 -22.75 -19.15
CA PHE C 357 8.41 -22.34 -17.95
C PHE C 357 7.64 -22.59 -16.65
N VAL C 358 6.30 -22.64 -16.75
CA VAL C 358 5.46 -22.96 -15.60
C VAL C 358 5.57 -24.46 -15.26
N ILE C 359 5.55 -25.30 -16.28
CA ILE C 359 5.73 -26.75 -16.12
C ILE C 359 7.13 -27.05 -15.58
N LEU C 360 8.12 -26.29 -16.07
CA LEU C 360 9.49 -26.39 -15.55
C LEU C 360 9.55 -25.99 -14.07
N SER C 361 8.86 -24.91 -13.71
CA SER C 361 8.78 -24.45 -12.32
C SER C 361 8.13 -25.50 -11.42
N HIS C 362 7.07 -26.14 -11.93
CA HIS C 362 6.39 -27.20 -11.20
C HIS C 362 7.32 -28.38 -10.94
N TYR C 363 8.18 -28.69 -11.91
CA TYR C 363 9.16 -29.76 -11.79
C TYR C 363 10.23 -29.45 -10.75
N ILE C 364 10.76 -28.22 -10.79
CA ILE C 364 11.78 -27.76 -9.85
C ILE C 364 11.25 -27.77 -8.40
N LEU C 365 9.97 -27.42 -8.25
CA LEU C 365 9.36 -27.29 -6.93
C LEU C 365 8.44 -28.45 -6.58
N ILE C 366 8.56 -29.56 -7.32
CA ILE C 366 7.67 -30.72 -7.18
C ILE C 366 7.67 -31.33 -5.76
N ASP C 367 8.78 -31.17 -5.04
CA ASP C 367 8.88 -31.66 -3.67
C ASP C 367 8.03 -30.82 -2.71
N GLU C 368 7.93 -29.53 -3.02
CA GLU C 368 7.13 -28.61 -2.22
C GLU C 368 5.64 -28.70 -2.57
N VAL C 369 5.32 -28.67 -3.87
CA VAL C 369 3.93 -28.55 -4.33
C VAL C 369 3.24 -29.90 -4.63
N GLY C 370 4.01 -30.96 -4.76
CA GLY C 370 3.46 -32.30 -5.03
C GLY C 370 3.24 -32.58 -6.50
N GLY C 371 2.60 -33.72 -6.79
CA GLY C 371 2.35 -34.16 -8.15
C GLY C 371 3.33 -35.22 -8.62
N ARG C 372 2.98 -35.90 -9.71
CA ARG C 372 3.82 -36.96 -10.27
C ARG C 372 4.82 -36.39 -11.27
N LYS C 373 6.08 -36.81 -11.13
CA LYS C 373 7.16 -36.37 -12.03
C LYS C 373 6.93 -36.84 -13.48
N GLU C 374 6.34 -38.01 -13.61
CA GLU C 374 6.07 -38.64 -14.91
C GLU C 374 5.11 -37.81 -15.76
N ILE C 375 4.05 -37.30 -15.12
CA ILE C 375 3.05 -36.48 -15.80
C ILE C 375 3.62 -35.10 -16.17
N VAL C 376 4.44 -34.55 -15.28
CA VAL C 376 5.09 -33.25 -15.51
C VAL C 376 6.02 -33.30 -16.72
N ILE C 377 6.90 -34.31 -16.73
CA ILE C 377 7.83 -34.54 -17.85
C ILE C 377 7.05 -34.76 -19.15
N PHE C 378 5.98 -35.56 -19.06
CA PHE C 378 5.10 -35.83 -20.21
C PHE C 378 4.46 -34.55 -20.73
N SER C 379 3.99 -33.69 -19.82
CA SER C 379 3.36 -32.42 -20.19
C SER C 379 4.34 -31.48 -20.87
N PHE C 380 5.56 -31.44 -20.36
CA PHE C 380 6.61 -30.61 -20.93
C PHE C 380 6.90 -30.96 -22.38
N ILE C 381 7.02 -32.27 -22.67
CA ILE C 381 7.33 -32.75 -24.02
C ILE C 381 6.20 -32.47 -25.00
N VAL C 382 4.97 -32.76 -24.57
CA VAL C 382 3.78 -32.50 -25.38
C VAL C 382 3.67 -31.04 -25.80
N VAL C 383 3.79 -30.13 -24.83
CA VAL C 383 3.70 -28.69 -25.07
C VAL C 383 4.85 -28.20 -25.97
N LEU C 384 6.05 -28.74 -25.74
CA LEU C 384 7.22 -28.42 -26.56
C LEU C 384 7.02 -28.84 -28.02
N GLY C 385 6.45 -30.03 -28.22
CA GLY C 385 6.17 -30.55 -29.57
C GLY C 385 5.14 -29.73 -30.33
N VAL C 386 4.07 -29.36 -29.62
CA VAL C 386 3.01 -28.49 -30.16
C VAL C 386 3.57 -27.13 -30.57
N PHE C 387 4.50 -26.62 -29.75
CA PHE C 387 5.17 -25.35 -30.04
C PHE C 387 6.01 -25.44 -31.32
N LEU C 388 6.77 -26.51 -31.45
CA LEU C 388 7.61 -26.74 -32.62
C LEU C 388 6.78 -26.96 -33.89
N LEU C 389 5.67 -27.71 -33.76
CA LEU C 389 4.73 -27.92 -34.84
C LEU C 389 4.16 -26.60 -35.38
N LEU C 390 3.87 -25.68 -34.47
CA LEU C 390 3.37 -24.35 -34.80
C LEU C 390 4.43 -23.53 -35.54
N LEU C 391 5.68 -23.63 -35.07
CA LEU C 391 6.80 -22.93 -35.70
C LEU C 391 7.14 -23.52 -37.07
N TYR C 392 7.03 -24.84 -37.19
CA TYR C 392 7.27 -25.53 -38.46
C TYR C 392 6.20 -25.19 -39.49
N TYR C 393 4.95 -25.05 -39.02
CA TYR C 393 3.83 -24.69 -39.88
C TYR C 393 4.02 -23.30 -40.51
N GLN C 394 4.40 -22.33 -39.69
CA GLN C 394 4.59 -20.96 -40.16
C GLN C 394 5.82 -20.83 -41.05
N TRP C 395 6.84 -21.64 -40.76
CA TRP C 395 8.08 -21.70 -41.54
C TRP C 395 7.82 -22.00 -43.03
N ILE C 396 6.77 -22.78 -43.29
CA ILE C 396 6.44 -23.19 -44.66
C ILE C 396 5.17 -22.54 -45.25
N THR C 397 4.25 -22.12 -44.39
CA THR C 397 2.99 -21.53 -44.86
C THR C 397 3.06 -20.00 -45.00
N ASN C 398 3.42 -19.35 -43.91
CA ASN C 398 3.55 -17.88 -43.89
C ASN C 398 4.81 -17.49 -43.13
N ARG C 399 5.93 -17.45 -43.85
CA ARG C 399 7.25 -17.20 -43.26
C ARG C 399 7.37 -15.80 -42.64
N PHE C 400 6.52 -14.88 -43.08
CA PHE C 400 6.44 -13.55 -42.49
C PHE C 400 5.98 -13.62 -41.04
N VAL C 401 5.00 -14.48 -40.77
CA VAL C 401 4.51 -14.74 -39.42
C VAL C 401 5.58 -15.45 -38.58
N PHE C 402 6.34 -16.34 -39.21
CA PHE C 402 7.43 -17.04 -38.54
C PHE C 402 8.46 -16.07 -37.97
N TYR C 403 8.85 -15.09 -38.78
CA TYR C 403 9.77 -14.05 -38.33
C TYR C 403 9.11 -13.11 -37.32
N GLY C 404 7.80 -12.91 -37.49
CA GLY C 404 6.99 -12.13 -36.55
C GLY C 404 6.96 -12.76 -35.16
N ILE C 405 6.97 -14.08 -35.11
CA ILE C 405 7.02 -14.83 -33.85
C ILE C 405 8.43 -14.79 -33.23
N ILE C 406 9.43 -15.11 -34.05
CA ILE C 406 10.83 -15.18 -33.60
C ILE C 406 11.34 -13.82 -33.09
N ALA C 407 10.99 -12.75 -33.81
CA ALA C 407 11.37 -11.40 -33.41
C ALA C 407 10.79 -11.02 -32.04
N THR C 408 9.54 -11.40 -31.80
CA THR C 408 8.85 -11.09 -30.53
C THR C 408 9.63 -11.63 -29.32
N PHE C 409 9.97 -12.91 -29.34
CA PHE C 409 10.71 -13.55 -28.24
C PHE C 409 12.08 -12.91 -28.01
N ILE C 410 12.74 -12.52 -29.11
CA ILE C 410 14.03 -11.85 -29.04
C ILE C 410 13.85 -10.40 -28.57
N GLY C 411 12.89 -9.70 -29.17
CA GLY C 411 12.55 -8.33 -28.81
C GLY C 411 12.18 -8.17 -27.34
N VAL C 412 11.44 -9.15 -26.82
CA VAL C 412 11.07 -9.19 -25.40
C VAL C 412 12.31 -9.45 -24.54
N LEU C 413 13.17 -10.36 -24.99
CA LEU C 413 14.43 -10.67 -24.30
C LEU C 413 15.40 -9.50 -24.33
N ILE C 414 15.47 -8.81 -25.47
CA ILE C 414 16.35 -7.65 -25.64
C ILE C 414 15.90 -6.48 -24.76
N PHE C 415 14.59 -6.20 -24.76
CA PHE C 415 14.00 -5.13 -23.95
C PHE C 415 14.25 -5.35 -22.45
N GLU C 416 14.19 -6.61 -22.03
CA GLU C 416 14.46 -6.99 -20.63
C GLU C 416 15.90 -6.67 -20.21
N ILE C 417 16.84 -6.95 -21.11
CA ILE C 417 18.26 -6.64 -20.87
C ILE C 417 18.43 -5.13 -20.73
N ILE C 418 17.79 -4.37 -21.61
CA ILE C 418 17.84 -2.91 -21.59
C ILE C 418 17.21 -2.33 -20.32
N TYR C 419 16.02 -2.83 -19.97
CA TYR C 419 15.27 -2.33 -18.81
C TYR C 419 15.99 -2.57 -17.48
N ARG C 420 16.55 -3.78 -17.33
CA ARG C 420 17.27 -4.16 -16.11
C ARG C 420 18.60 -3.40 -15.98
N LYS C 421 19.14 -2.92 -17.09
CA LYS C 421 20.34 -2.09 -17.06
C LYS C 421 20.04 -0.68 -16.57
N VAL C 422 19.00 -0.06 -17.16
CA VAL C 422 18.62 1.31 -16.85
C VAL C 422 18.06 1.45 -15.43
N THR C 423 16.99 0.69 -15.15
CA THR C 423 16.21 0.85 -13.92
C THR C 423 16.72 -0.02 -12.77
N LYS C 424 17.41 -1.10 -13.11
CA LYS C 424 17.92 -2.08 -12.14
C LYS C 424 16.82 -2.88 -11.43
N ARG C 425 15.59 -2.82 -11.98
CA ARG C 425 14.43 -3.50 -11.38
C ARG C 425 14.68 -4.97 -11.06
N THR C 426 14.32 -5.36 -9.84
CA THR C 426 14.44 -6.74 -9.38
C THR C 426 13.07 -7.31 -8.99
N PHE C 427 12.95 -8.64 -9.06
CA PHE C 427 11.75 -9.34 -8.61
C PHE C 427 12.02 -9.98 -7.25
N SER C 428 11.18 -9.67 -6.27
CA SER C 428 11.33 -10.20 -4.91
C SER C 428 10.21 -11.15 -4.54
N ASN C 429 10.45 -11.96 -3.52
CA ASN C 429 9.45 -12.92 -3.03
C ASN C 429 8.21 -12.26 -2.40
N ASN C 430 8.26 -10.93 -2.26
CA ASN C 430 7.10 -10.12 -1.86
C ASN C 430 5.88 -10.36 -2.72
N MET C 431 6.11 -10.90 -3.92
CA MET C 431 5.04 -11.34 -4.81
C MET C 431 4.14 -12.39 -4.17
N TYR C 432 4.73 -13.30 -3.39
CA TYR C 432 4.00 -14.42 -2.80
C TYR C 432 4.11 -14.57 -1.28
N VAL C 433 5.05 -13.85 -0.66
CA VAL C 433 5.21 -13.90 0.80
C VAL C 433 4.24 -12.91 1.48
N LYS C 434 3.53 -13.40 2.49
CA LYS C 434 2.52 -12.64 3.22
C LYS C 434 3.10 -11.35 3.82
N SER C 435 2.30 -10.30 3.78
CA SER C 435 2.78 -8.93 4.02
C SER C 435 3.02 -8.56 5.49
N LEU C 436 2.94 -9.56 6.38
CA LEU C 436 3.26 -9.41 7.82
C LEU C 436 2.25 -8.59 8.63
N GLU C 437 1.83 -7.45 8.08
CA GLU C 437 0.77 -6.64 8.67
C GLU C 437 -0.57 -7.37 8.50
N SER C 438 -0.71 -8.07 7.38
CA SER C 438 -1.95 -8.77 7.04
C SER C 438 -1.93 -10.23 7.47
#